data_2KC2
#
_entry.id   2KC2
#
_entity_poly.entity_id   1
_entity_poly.type   'polypeptide(L)'
_entity_poly.pdbx_seq_one_letter_code
;SSGLVPRGSHMRPLKIRMLDGTVKTIMVDDSKTVTDMLMTICARIGITNHDEYSLVRELMEEKKDEGTGTLRKDKTLLRD
EKKMEKLKQKLHTDDELNWLDHGRTLREQGVEEHETLLLRRKFFYSDQ
;
_entity_poly.pdbx_strand_id   A
#
# COMPACT_ATOMS: atom_id res chain seq x y z
N SER A 1 -23.80 9.67 -23.49
CA SER A 1 -22.53 8.92 -23.43
C SER A 1 -22.39 8.00 -24.63
N SER A 2 -21.79 8.52 -25.69
CA SER A 2 -21.61 7.76 -26.92
C SER A 2 -20.16 7.86 -27.41
N GLY A 3 -19.56 9.03 -27.25
CA GLY A 3 -18.21 9.25 -27.71
C GLY A 3 -17.20 9.12 -26.60
N LEU A 4 -17.34 8.10 -25.77
CA LEU A 4 -16.43 7.87 -24.67
C LEU A 4 -15.38 6.83 -25.06
N VAL A 5 -14.30 7.31 -25.65
CA VAL A 5 -13.24 6.43 -26.13
C VAL A 5 -12.15 6.31 -25.07
N PRO A 6 -11.84 5.07 -24.66
CA PRO A 6 -10.81 4.78 -23.65
C PRO A 6 -9.42 5.24 -24.09
N ARG A 7 -8.44 5.04 -23.20
CA ARG A 7 -7.05 5.45 -23.44
C ARG A 7 -6.96 6.97 -23.51
N GLY A 8 -7.92 7.64 -22.86
CA GLY A 8 -7.93 9.09 -22.85
C GLY A 8 -6.90 9.65 -21.89
N SER A 9 -6.82 9.04 -20.71
CA SER A 9 -5.83 9.42 -19.72
C SER A 9 -4.74 8.35 -19.68
N HIS A 10 -3.89 8.43 -18.67
CA HIS A 10 -2.89 7.40 -18.45
C HIS A 10 -3.47 6.32 -17.55
N MET A 11 -3.60 5.12 -18.09
CA MET A 11 -4.16 4.01 -17.33
C MET A 11 -3.13 2.91 -17.16
N ARG A 12 -2.97 2.47 -15.94
CA ARG A 12 -1.98 1.44 -15.63
C ARG A 12 -2.57 0.42 -14.67
N PRO A 13 -2.12 -0.85 -14.76
CA PRO A 13 -2.48 -1.86 -13.78
C PRO A 13 -1.67 -1.67 -12.49
N LEU A 14 -2.36 -1.42 -11.39
CA LEU A 14 -1.70 -1.16 -10.13
C LEU A 14 -1.95 -2.31 -9.15
N LYS A 15 -0.87 -2.76 -8.51
CA LYS A 15 -0.97 -3.82 -7.52
C LYS A 15 -1.43 -3.23 -6.19
N ILE A 16 -2.72 -3.28 -5.91
CA ILE A 16 -3.25 -2.71 -4.68
C ILE A 16 -3.85 -3.77 -3.79
N ARG A 17 -3.37 -3.86 -2.55
CA ARG A 17 -3.89 -4.86 -1.63
C ARG A 17 -5.00 -4.28 -0.78
N MET A 18 -6.09 -5.04 -0.68
CA MET A 18 -7.18 -4.70 0.19
C MET A 18 -6.75 -4.79 1.64
N LEU A 19 -6.64 -3.63 2.27
CA LEU A 19 -6.41 -3.47 3.72
C LEU A 19 -5.56 -4.56 4.37
N ASP A 20 -6.19 -5.64 4.76
CA ASP A 20 -5.51 -6.68 5.53
C ASP A 20 -5.69 -8.03 4.85
N GLY A 21 -6.17 -7.99 3.63
CA GLY A 21 -6.53 -9.20 2.94
C GLY A 21 -5.58 -9.53 1.80
N THR A 22 -5.99 -9.18 0.60
CA THR A 22 -5.28 -9.61 -0.58
C THR A 22 -5.13 -8.48 -1.60
N VAL A 23 -4.03 -8.52 -2.36
CA VAL A 23 -3.81 -7.56 -3.43
C VAL A 23 -4.67 -7.89 -4.65
N LYS A 24 -5.27 -6.86 -5.22
CA LYS A 24 -6.13 -7.00 -6.38
C LYS A 24 -5.49 -6.29 -7.57
N THR A 25 -5.63 -6.87 -8.75
CA THR A 25 -5.19 -6.20 -9.97
C THR A 25 -6.25 -5.21 -10.41
N ILE A 26 -6.00 -3.93 -10.17
CA ILE A 26 -6.92 -2.88 -10.54
C ILE A 26 -6.21 -1.85 -11.40
N MET A 27 -6.84 -1.42 -12.48
CA MET A 27 -6.28 -0.37 -13.31
C MET A 27 -6.60 0.97 -12.71
N VAL A 28 -5.74 1.94 -12.93
CA VAL A 28 -5.97 3.27 -12.44
C VAL A 28 -5.91 4.28 -13.56
N ASP A 29 -6.84 5.21 -13.56
CA ASP A 29 -6.84 6.31 -14.51
C ASP A 29 -6.07 7.47 -13.89
N ASP A 30 -4.76 7.29 -13.79
CA ASP A 30 -3.92 8.23 -13.06
C ASP A 30 -3.60 9.46 -13.90
N SER A 31 -3.64 10.61 -13.26
CA SER A 31 -3.34 11.85 -13.93
C SER A 31 -2.74 12.88 -12.96
N LYS A 32 -3.29 12.93 -11.75
CA LYS A 32 -2.87 13.91 -10.77
C LYS A 32 -2.13 13.25 -9.60
N THR A 33 -2.35 13.78 -8.41
CA THR A 33 -1.69 13.32 -7.18
C THR A 33 -1.98 11.85 -6.85
N VAL A 34 -1.33 11.36 -5.78
CA VAL A 34 -1.64 10.04 -5.23
C VAL A 34 -3.13 9.98 -4.88
N THR A 35 -3.68 11.12 -4.50
CA THR A 35 -5.09 11.27 -4.25
C THR A 35 -5.90 10.83 -5.47
N ASP A 36 -5.61 11.45 -6.60
CA ASP A 36 -6.29 11.18 -7.87
C ASP A 36 -6.23 9.70 -8.22
N MET A 37 -5.07 9.11 -8.04
CA MET A 37 -4.86 7.70 -8.35
C MET A 37 -5.62 6.80 -7.38
N LEU A 38 -5.40 7.02 -6.09
CA LEU A 38 -5.95 6.14 -5.06
C LEU A 38 -7.46 6.28 -4.90
N MET A 39 -8.00 7.47 -5.14
CA MET A 39 -9.45 7.66 -5.00
C MET A 39 -10.17 6.84 -6.07
N THR A 40 -9.53 6.68 -7.21
CA THR A 40 -10.07 5.83 -8.27
C THR A 40 -10.09 4.38 -7.80
N ILE A 41 -8.93 3.91 -7.33
CA ILE A 41 -8.78 2.56 -6.80
C ILE A 41 -9.81 2.27 -5.71
N CYS A 42 -9.97 3.20 -4.78
CA CYS A 42 -10.90 3.03 -3.68
C CYS A 42 -12.33 3.00 -4.19
N ALA A 43 -12.59 3.72 -5.27
CA ALA A 43 -13.91 3.69 -5.91
C ALA A 43 -14.14 2.34 -6.58
N ARG A 44 -13.06 1.69 -6.98
CA ARG A 44 -13.15 0.38 -7.62
C ARG A 44 -13.53 -0.69 -6.60
N ILE A 45 -13.24 -0.41 -5.33
CA ILE A 45 -13.46 -1.38 -4.26
C ILE A 45 -14.54 -0.94 -3.27
N GLY A 46 -15.12 0.23 -3.51
CA GLY A 46 -16.21 0.69 -2.67
C GLY A 46 -15.75 1.27 -1.33
N ILE A 47 -14.64 1.98 -1.35
CA ILE A 47 -14.14 2.66 -0.17
C ILE A 47 -14.12 4.17 -0.42
N THR A 48 -14.75 4.93 0.45
CA THR A 48 -14.87 6.37 0.26
C THR A 48 -14.51 7.13 1.55
N ASN A 49 -13.24 7.09 1.92
CA ASN A 49 -12.76 7.78 3.12
C ASN A 49 -11.26 7.55 3.30
N HIS A 50 -10.53 8.60 3.65
CA HIS A 50 -9.09 8.52 3.79
C HIS A 50 -8.58 9.33 4.97
N ASP A 51 -9.47 9.77 5.85
CA ASP A 51 -9.06 10.47 7.06
C ASP A 51 -8.26 9.54 7.95
N GLU A 52 -8.77 8.34 8.13
CA GLU A 52 -8.09 7.30 8.89
C GLU A 52 -7.24 6.43 7.98
N TYR A 53 -7.58 6.46 6.69
CA TYR A 53 -6.96 5.56 5.72
C TYR A 53 -5.87 6.25 4.91
N SER A 54 -4.65 5.83 5.14
CA SER A 54 -3.52 6.33 4.36
C SER A 54 -2.94 5.17 3.56
N LEU A 55 -1.94 5.43 2.75
CA LEU A 55 -1.40 4.40 1.89
C LEU A 55 0.00 4.03 2.32
N VAL A 56 0.37 2.77 2.13
CA VAL A 56 1.72 2.34 2.41
C VAL A 56 2.31 1.68 1.18
N ARG A 57 3.59 1.91 0.96
CA ARG A 57 4.32 1.18 -0.06
C ARG A 57 4.63 -0.20 0.47
N GLU A 58 4.01 -1.19 -0.12
CA GLU A 58 4.19 -2.57 0.30
C GLU A 58 5.37 -3.18 -0.43
N LEU A 59 6.50 -3.25 0.25
CA LEU A 59 7.67 -3.88 -0.31
C LEU A 59 7.45 -5.37 -0.40
N MET A 60 7.67 -5.92 -1.57
CA MET A 60 7.42 -7.34 -1.81
C MET A 60 8.48 -8.19 -1.11
N GLU A 61 8.02 -9.28 -0.51
CA GLU A 61 8.89 -10.12 0.29
C GLU A 61 9.81 -10.94 -0.62
N GLU A 62 10.98 -10.39 -0.89
CA GLU A 62 11.97 -11.03 -1.74
C GLU A 62 12.92 -11.83 -0.88
N LYS A 63 13.07 -11.40 0.36
CA LYS A 63 13.99 -12.05 1.29
C LYS A 63 13.28 -12.42 2.58
N LYS A 64 12.88 -13.67 2.68
CA LYS A 64 12.23 -14.18 3.87
C LYS A 64 13.21 -15.07 4.65
N ASP A 65 13.40 -14.77 5.93
CA ASP A 65 14.39 -15.47 6.73
C ASP A 65 13.93 -16.88 7.07
N GLU A 66 14.88 -17.73 7.41
CA GLU A 66 14.60 -19.10 7.82
C GLU A 66 15.20 -19.33 9.20
N GLY A 67 15.27 -18.27 9.98
CA GLY A 67 15.98 -18.31 11.24
C GLY A 67 15.20 -18.96 12.36
N THR A 68 14.37 -18.18 13.03
CA THR A 68 13.68 -18.63 14.24
C THR A 68 14.72 -18.79 15.36
N GLY A 69 15.85 -18.14 15.17
CA GLY A 69 16.99 -18.28 16.05
C GLY A 69 18.28 -18.32 15.25
N THR A 70 19.41 -18.33 15.92
CA THR A 70 20.68 -18.43 15.22
C THR A 70 21.00 -19.88 14.91
N LEU A 71 20.47 -20.77 15.77
CA LEU A 71 20.43 -22.22 15.54
C LEU A 71 21.80 -22.90 15.68
N ARG A 72 22.79 -22.44 14.92
CA ARG A 72 24.10 -23.07 14.91
C ARG A 72 24.85 -22.81 16.21
N LYS A 73 24.91 -21.55 16.62
CA LYS A 73 25.51 -21.20 17.90
C LYS A 73 24.50 -21.41 19.02
N ASP A 74 24.82 -22.34 19.92
CA ASP A 74 23.90 -22.79 20.98
C ASP A 74 22.71 -23.51 20.35
N LYS A 75 22.72 -24.82 20.48
CA LYS A 75 21.73 -25.69 19.86
C LYS A 75 20.29 -25.24 20.16
N THR A 76 20.01 -25.00 21.43
CA THR A 76 18.68 -24.58 21.83
C THR A 76 18.78 -23.70 23.07
N LEU A 77 17.64 -23.47 23.71
CA LEU A 77 17.59 -22.66 24.91
C LEU A 77 17.71 -23.57 26.13
N LEU A 78 18.55 -23.17 27.06
CA LEU A 78 18.78 -23.97 28.25
C LEU A 78 17.83 -23.55 29.36
N ARG A 79 16.58 -23.97 29.23
CA ARG A 79 15.54 -23.71 30.24
C ARG A 79 14.24 -24.32 29.74
N ASP A 80 13.79 -23.85 28.58
CA ASP A 80 12.62 -24.39 27.86
C ASP A 80 11.42 -24.66 28.77
N GLU A 81 11.22 -23.78 29.74
CA GLU A 81 10.11 -23.93 30.67
C GLU A 81 8.86 -23.31 30.08
N LYS A 82 9.07 -22.50 29.06
CA LYS A 82 7.99 -21.78 28.42
C LYS A 82 8.39 -21.39 27.00
N LYS A 83 7.61 -21.85 26.03
CA LYS A 83 7.83 -21.46 24.65
C LYS A 83 7.04 -20.19 24.34
N MET A 84 7.75 -19.06 24.34
CA MET A 84 7.14 -17.75 24.17
C MET A 84 6.59 -17.56 22.77
N GLU A 85 7.24 -18.16 21.78
CA GLU A 85 6.79 -18.05 20.40
C GLU A 85 6.80 -19.38 19.69
N LYS A 86 5.67 -20.06 19.72
CA LYS A 86 5.47 -21.28 18.95
C LYS A 86 4.61 -20.95 17.74
N LEU A 87 3.59 -20.15 17.99
CA LEU A 87 2.75 -19.62 16.93
C LEU A 87 2.68 -18.10 17.05
N LYS A 88 2.38 -17.43 15.96
CA LYS A 88 2.41 -15.97 15.93
C LYS A 88 0.99 -15.41 15.95
N GLN A 89 0.52 -15.03 17.14
CA GLN A 89 -0.75 -14.34 17.27
C GLN A 89 -0.56 -12.87 16.96
N LYS A 90 -1.50 -12.30 16.20
CA LYS A 90 -1.40 -10.93 15.70
C LYS A 90 -0.26 -10.81 14.70
N LEU A 91 -0.61 -10.74 13.42
CA LEU A 91 0.38 -10.62 12.37
C LEU A 91 0.85 -9.17 12.27
N HIS A 92 1.36 -8.66 13.38
CA HIS A 92 1.82 -7.28 13.44
C HIS A 92 3.10 -7.11 12.64
N THR A 93 3.02 -6.30 11.60
CA THR A 93 4.18 -5.99 10.79
C THR A 93 4.17 -4.52 10.39
N ASP A 94 5.30 -3.87 10.60
CA ASP A 94 5.48 -2.49 10.18
C ASP A 94 6.69 -2.41 9.27
N ASP A 95 7.12 -3.58 8.87
CA ASP A 95 8.30 -3.72 8.02
C ASP A 95 7.92 -3.50 6.57
N GLU A 96 6.87 -4.18 6.15
CA GLU A 96 6.37 -4.07 4.78
C GLU A 96 5.66 -2.74 4.57
N LEU A 97 5.26 -2.12 5.66
CA LEU A 97 4.55 -0.84 5.61
C LEU A 97 5.52 0.31 5.46
N ASN A 98 5.58 0.87 4.25
CA ASN A 98 6.32 2.09 4.00
C ASN A 98 5.35 3.19 3.63
N TRP A 99 4.79 3.85 4.64
CA TRP A 99 3.71 4.81 4.44
C TRP A 99 4.08 5.90 3.43
N LEU A 100 3.12 6.25 2.58
CA LEU A 100 3.25 7.41 1.71
C LEU A 100 1.93 8.17 1.71
N ASP A 101 2.03 9.49 1.62
CA ASP A 101 0.89 10.36 1.78
C ASP A 101 0.57 11.09 0.48
N HIS A 102 -0.30 12.10 0.58
CA HIS A 102 -0.71 12.86 -0.57
C HIS A 102 0.03 14.19 -0.61
N GLY A 103 -0.52 15.15 -1.34
CA GLY A 103 0.16 16.43 -1.51
C GLY A 103 1.27 16.30 -2.51
N ARG A 104 1.26 15.20 -3.24
CA ARG A 104 2.31 14.86 -4.19
C ARG A 104 1.92 13.59 -4.95
N THR A 105 2.79 13.16 -5.84
CA THR A 105 2.52 11.99 -6.67
C THR A 105 3.49 10.87 -6.34
N LEU A 106 3.33 9.73 -7.00
CA LEU A 106 4.27 8.64 -6.86
C LEU A 106 5.57 8.99 -7.58
N ARG A 107 5.43 9.78 -8.63
CA ARG A 107 6.56 10.28 -9.41
C ARG A 107 7.52 11.05 -8.50
N GLU A 108 6.96 11.95 -7.70
CA GLU A 108 7.75 12.78 -6.80
C GLU A 108 8.48 11.93 -5.79
N GLN A 109 7.80 10.91 -5.29
CA GLN A 109 8.31 10.10 -4.19
C GLN A 109 9.24 9.01 -4.71
N GLY A 110 9.38 8.92 -6.04
CA GLY A 110 10.30 7.99 -6.64
C GLY A 110 9.87 6.55 -6.51
N VAL A 111 8.57 6.32 -6.46
CA VAL A 111 8.04 4.97 -6.35
C VAL A 111 7.39 4.55 -7.66
N GLU A 112 7.84 3.42 -8.19
CA GLU A 112 7.35 2.92 -9.47
C GLU A 112 6.12 2.04 -9.27
N GLU A 113 5.49 1.70 -10.38
CA GLU A 113 4.22 0.95 -10.36
C GLU A 113 4.41 -0.50 -9.96
N HIS A 114 5.65 -0.99 -9.98
CA HIS A 114 5.92 -2.37 -9.60
C HIS A 114 5.80 -2.55 -8.09
N GLU A 115 5.81 -1.44 -7.37
CA GLU A 115 5.66 -1.47 -5.92
C GLU A 115 4.19 -1.70 -5.56
N THR A 116 3.93 -2.68 -4.71
CA THR A 116 2.58 -2.99 -4.31
C THR A 116 2.06 -1.89 -3.37
N LEU A 117 0.86 -1.41 -3.63
CA LEU A 117 0.27 -0.36 -2.83
C LEU A 117 -0.69 -0.98 -1.82
N LEU A 118 -0.41 -0.76 -0.55
CA LEU A 118 -1.22 -1.31 0.52
C LEU A 118 -2.04 -0.21 1.16
N LEU A 119 -3.34 -0.44 1.26
CA LEU A 119 -4.19 0.50 1.98
C LEU A 119 -4.44 -0.02 3.39
N ARG A 120 -4.33 0.86 4.36
CA ARG A 120 -4.54 0.48 5.75
C ARG A 120 -4.84 1.70 6.59
N ARG A 121 -5.76 1.56 7.54
CA ARG A 121 -6.09 2.68 8.40
C ARG A 121 -5.18 2.68 9.62
N LYS A 122 -4.26 3.64 9.65
CA LYS A 122 -3.37 3.83 10.80
C LYS A 122 -4.20 4.26 12.00
N PHE A 123 -5.31 4.93 11.72
CA PHE A 123 -6.28 5.26 12.74
C PHE A 123 -7.41 4.25 12.67
N PHE A 124 -7.28 3.17 13.42
CA PHE A 124 -8.27 2.11 13.40
C PHE A 124 -8.99 2.03 14.73
N TYR A 125 -10.27 2.33 14.72
CA TYR A 125 -11.08 2.32 15.93
C TYR A 125 -12.17 1.27 15.82
N SER A 126 -11.87 0.08 16.32
CA SER A 126 -12.83 -1.02 16.32
C SER A 126 -12.61 -1.88 17.55
N ASP A 127 -12.05 -1.26 18.58
CA ASP A 127 -11.76 -1.95 19.83
C ASP A 127 -13.01 -2.04 20.69
N GLN A 128 -13.93 -2.91 20.28
CA GLN A 128 -15.15 -3.16 21.03
C GLN A 128 -15.79 -4.47 20.57
N SER A 1 -7.62 13.18 -37.57
CA SER A 1 -6.41 13.43 -38.38
C SER A 1 -5.18 13.24 -37.51
N SER A 2 -4.01 13.17 -38.15
CA SER A 2 -2.73 12.95 -37.47
C SER A 2 -2.61 11.52 -36.96
N GLY A 3 -1.58 10.83 -37.40
CA GLY A 3 -1.34 9.49 -36.95
C GLY A 3 -0.11 9.41 -36.06
N LEU A 4 0.27 10.54 -35.49
CA LEU A 4 1.44 10.62 -34.65
C LEU A 4 1.04 10.79 -33.19
N VAL A 5 1.74 10.07 -32.30
CA VAL A 5 1.52 10.14 -30.86
C VAL A 5 0.15 9.55 -30.48
N PRO A 6 0.15 8.34 -29.92
CA PRO A 6 -1.08 7.71 -29.45
C PRO A 6 -1.60 8.38 -28.18
N ARG A 7 -2.35 9.45 -28.38
CA ARG A 7 -2.83 10.27 -27.28
C ARG A 7 -3.86 9.52 -26.44
N GLY A 8 -3.51 9.21 -25.21
CA GLY A 8 -4.42 8.56 -24.30
C GLY A 8 -3.95 8.66 -22.87
N SER A 9 -4.76 8.14 -21.95
CA SER A 9 -4.38 8.14 -20.55
C SER A 9 -3.52 6.92 -20.24
N HIS A 10 -2.57 7.08 -19.33
CA HIS A 10 -1.71 5.98 -18.91
C HIS A 10 -2.47 5.05 -17.97
N MET A 11 -3.09 4.04 -18.54
CA MET A 11 -3.87 3.08 -17.76
C MET A 11 -2.97 1.96 -17.30
N ARG A 12 -2.63 1.95 -16.03
CA ARG A 12 -1.71 0.95 -15.51
C ARG A 12 -2.40 0.04 -14.48
N PRO A 13 -2.27 -1.27 -14.65
CA PRO A 13 -2.77 -2.23 -13.67
C PRO A 13 -1.90 -2.25 -12.42
N LEU A 14 -2.48 -1.92 -11.29
CA LEU A 14 -1.73 -1.83 -10.05
C LEU A 14 -2.22 -2.85 -9.04
N LYS A 15 -1.28 -3.51 -8.38
CA LYS A 15 -1.61 -4.41 -7.30
C LYS A 15 -1.99 -3.60 -6.07
N ILE A 16 -3.23 -3.71 -5.63
CA ILE A 16 -3.66 -3.04 -4.41
C ILE A 16 -3.99 -4.07 -3.34
N ARG A 17 -3.45 -3.87 -2.15
CA ARG A 17 -3.62 -4.80 -1.06
C ARG A 17 -4.58 -4.23 -0.04
N MET A 18 -5.64 -4.97 0.26
CA MET A 18 -6.68 -4.47 1.15
C MET A 18 -6.48 -4.99 2.56
N LEU A 19 -7.46 -4.68 3.41
CA LEU A 19 -7.42 -4.97 4.84
C LEU A 19 -7.30 -6.46 5.11
N ASP A 20 -7.83 -7.25 4.18
CA ASP A 20 -7.76 -8.71 4.29
C ASP A 20 -6.33 -9.20 4.06
N GLY A 21 -5.43 -8.26 3.75
CA GLY A 21 -4.07 -8.61 3.43
C GLY A 21 -3.97 -9.15 2.02
N THR A 22 -5.07 -9.06 1.29
CA THR A 22 -5.17 -9.67 -0.02
C THR A 22 -4.89 -8.64 -1.11
N VAL A 23 -4.28 -9.10 -2.19
CA VAL A 23 -3.94 -8.23 -3.30
C VAL A 23 -4.94 -8.38 -4.45
N LYS A 24 -5.42 -7.26 -4.93
CA LYS A 24 -6.31 -7.24 -6.08
C LYS A 24 -5.70 -6.36 -7.16
N THR A 25 -5.89 -6.73 -8.41
CA THR A 25 -5.37 -5.93 -9.50
C THR A 25 -6.43 -4.95 -10.01
N ILE A 26 -6.15 -3.66 -9.86
CA ILE A 26 -7.05 -2.62 -10.33
C ILE A 26 -6.38 -1.79 -11.42
N MET A 27 -7.12 -1.46 -12.46
CA MET A 27 -6.60 -0.60 -13.52
C MET A 27 -6.61 0.83 -13.04
N VAL A 28 -5.48 1.49 -13.16
CA VAL A 28 -5.34 2.84 -12.66
C VAL A 28 -5.27 3.84 -13.81
N ASP A 29 -5.94 4.95 -13.62
CA ASP A 29 -5.85 6.07 -14.52
C ASP A 29 -4.74 6.99 -14.04
N ASP A 30 -3.52 6.60 -14.33
CA ASP A 30 -2.34 7.27 -13.80
C ASP A 30 -1.97 8.49 -14.61
N SER A 31 -2.11 9.65 -14.00
CA SER A 31 -1.77 10.90 -14.66
C SER A 31 -1.35 11.97 -13.64
N LYS A 32 -2.13 12.10 -12.57
CA LYS A 32 -1.90 13.20 -11.63
C LYS A 32 -2.06 12.76 -10.17
N THR A 33 -0.93 12.81 -9.45
CA THR A 33 -0.87 12.68 -7.98
C THR A 33 -1.34 11.33 -7.44
N VAL A 34 -0.89 11.01 -6.23
CA VAL A 34 -1.36 9.84 -5.51
C VAL A 34 -2.83 10.02 -5.13
N THR A 35 -3.18 11.25 -4.79
CA THR A 35 -4.54 11.61 -4.42
C THR A 35 -5.57 11.12 -5.44
N ASP A 36 -5.44 11.59 -6.67
CA ASP A 36 -6.36 11.22 -7.74
C ASP A 36 -6.26 9.74 -8.06
N MET A 37 -5.01 9.27 -8.15
CA MET A 37 -4.73 7.86 -8.43
C MET A 37 -5.48 6.95 -7.46
N LEU A 38 -5.31 7.22 -6.18
CA LEU A 38 -5.87 6.37 -5.14
C LEU A 38 -7.38 6.54 -5.00
N MET A 39 -7.88 7.77 -5.13
CA MET A 39 -9.30 8.01 -4.97
C MET A 39 -10.08 7.33 -6.09
N THR A 40 -9.44 7.17 -7.25
CA THR A 40 -10.02 6.43 -8.35
C THR A 40 -10.14 4.95 -7.97
N ILE A 41 -9.04 4.38 -7.49
CA ILE A 41 -8.99 2.99 -7.07
C ILE A 41 -9.97 2.72 -5.93
N CYS A 42 -9.99 3.59 -4.92
CA CYS A 42 -10.88 3.40 -3.79
C CYS A 42 -12.34 3.50 -4.21
N ALA A 43 -12.59 4.25 -5.28
CA ALA A 43 -13.95 4.36 -5.82
C ALA A 43 -14.32 3.11 -6.59
N ARG A 44 -13.31 2.44 -7.16
CA ARG A 44 -13.52 1.19 -7.87
C ARG A 44 -14.05 0.12 -6.91
N ILE A 45 -13.40 0.05 -5.75
CA ILE A 45 -13.71 -0.98 -4.76
C ILE A 45 -14.81 -0.53 -3.78
N GLY A 46 -15.01 0.78 -3.67
CA GLY A 46 -16.04 1.28 -2.77
C GLY A 46 -15.50 1.54 -1.37
N ILE A 47 -14.37 2.21 -1.30
CA ILE A 47 -13.75 2.56 -0.03
C ILE A 47 -13.54 4.05 0.08
N THR A 48 -13.75 4.60 1.27
CA THR A 48 -13.56 6.02 1.51
C THR A 48 -12.26 6.26 2.27
N ASN A 49 -11.49 7.23 1.79
CA ASN A 49 -10.24 7.62 2.44
C ASN A 49 -10.39 9.01 3.06
N HIS A 50 -11.17 9.09 4.14
CA HIS A 50 -11.44 10.37 4.75
C HIS A 50 -11.25 10.32 6.27
N ASP A 51 -11.77 9.27 6.88
CA ASP A 51 -11.75 9.14 8.34
C ASP A 51 -10.35 8.78 8.84
N GLU A 52 -10.04 7.50 8.86
CA GLU A 52 -8.73 7.05 9.29
C GLU A 52 -8.19 5.99 8.34
N TYR A 53 -7.69 6.42 7.21
CA TYR A 53 -7.11 5.50 6.25
C TYR A 53 -5.76 6.01 5.77
N SER A 54 -4.74 5.26 6.12
CA SER A 54 -3.37 5.63 5.83
C SER A 54 -2.82 4.71 4.75
N LEU A 55 -2.14 5.28 3.78
CA LEU A 55 -1.64 4.50 2.67
C LEU A 55 -0.17 4.17 2.90
N VAL A 56 0.26 3.02 2.44
CA VAL A 56 1.67 2.68 2.49
C VAL A 56 2.10 2.12 1.16
N ARG A 57 3.35 2.36 0.80
CA ARG A 57 3.90 1.77 -0.41
C ARG A 57 4.36 0.36 -0.10
N GLU A 58 3.67 -0.62 -0.66
CA GLU A 58 3.94 -2.02 -0.41
C GLU A 58 5.01 -2.53 -1.36
N LEU A 59 5.95 -3.30 -0.84
CA LEU A 59 7.02 -3.85 -1.64
C LEU A 59 6.54 -5.05 -2.44
N MET A 60 7.19 -5.30 -3.56
CA MET A 60 6.84 -6.41 -4.44
C MET A 60 7.54 -7.68 -3.98
N GLU A 61 7.43 -7.96 -2.69
CA GLU A 61 8.09 -9.11 -2.10
C GLU A 61 7.37 -10.40 -2.45
N GLU A 62 8.12 -11.48 -2.49
CA GLU A 62 7.58 -12.78 -2.89
C GLU A 62 6.63 -13.32 -1.83
N LYS A 63 5.63 -14.06 -2.29
CA LYS A 63 4.66 -14.66 -1.38
C LYS A 63 5.23 -15.95 -0.82
N LYS A 64 4.71 -16.40 0.31
CA LYS A 64 5.23 -17.58 0.97
C LYS A 64 4.11 -18.54 1.34
N ASP A 65 3.14 -18.04 2.09
CA ASP A 65 2.09 -18.90 2.62
C ASP A 65 0.75 -18.20 2.57
N GLU A 66 -0.30 -18.97 2.26
CA GLU A 66 -1.66 -18.46 2.15
C GLU A 66 -1.79 -17.40 1.07
N GLY A 67 -2.07 -17.86 -0.14
CA GLY A 67 -2.35 -16.97 -1.24
C GLY A 67 -3.72 -17.26 -1.81
N THR A 68 -4.52 -17.98 -1.03
CA THR A 68 -5.86 -18.35 -1.44
C THR A 68 -6.88 -17.52 -0.67
N GLY A 69 -6.68 -17.42 0.63
CA GLY A 69 -7.60 -16.69 1.47
C GLY A 69 -8.29 -17.61 2.45
N THR A 70 -8.25 -17.24 3.73
CA THR A 70 -8.87 -18.02 4.76
C THR A 70 -10.30 -17.54 5.00
N LEU A 71 -11.27 -18.23 4.38
CA LEU A 71 -12.67 -17.83 4.46
C LEU A 71 -12.85 -16.44 3.85
N ARG A 72 -13.96 -15.80 4.16
CA ARG A 72 -14.15 -14.41 3.79
C ARG A 72 -13.74 -13.55 4.97
N LYS A 73 -14.08 -14.06 6.15
CA LYS A 73 -13.69 -13.51 7.44
C LYS A 73 -14.39 -14.32 8.52
N ASP A 74 -15.72 -14.25 8.48
CA ASP A 74 -16.58 -15.17 9.23
C ASP A 74 -16.32 -15.06 10.74
N LYS A 75 -15.83 -13.91 11.15
CA LYS A 75 -15.54 -13.65 12.54
C LYS A 75 -16.50 -12.59 13.07
N THR A 76 -16.96 -12.77 14.30
CA THR A 76 -17.79 -11.76 14.93
C THR A 76 -17.02 -10.46 15.06
N LEU A 77 -17.58 -9.38 14.53
CA LEU A 77 -16.94 -8.08 14.59
C LEU A 77 -17.45 -7.31 15.80
N LEU A 78 -16.54 -6.73 16.53
CA LEU A 78 -16.88 -6.03 17.77
C LEU A 78 -16.66 -4.54 17.63
N ARG A 79 -17.56 -3.76 18.21
CA ARG A 79 -17.41 -2.32 18.23
C ARG A 79 -16.57 -1.92 19.43
N ASP A 80 -16.69 -2.72 20.49
CA ASP A 80 -15.88 -2.52 21.68
C ASP A 80 -14.44 -2.91 21.42
N GLU A 81 -13.55 -1.93 21.44
CA GLU A 81 -12.15 -2.13 21.12
C GLU A 81 -11.46 -3.01 22.15
N LYS A 82 -10.63 -3.93 21.69
CA LYS A 82 -9.89 -4.83 22.55
C LYS A 82 -8.71 -4.13 23.21
N LYS A 83 -7.72 -4.92 23.63
CA LYS A 83 -6.53 -4.38 24.29
C LYS A 83 -5.79 -3.42 23.37
N MET A 84 -5.83 -2.14 23.73
CA MET A 84 -5.19 -1.10 22.95
C MET A 84 -3.75 -0.90 23.42
N GLU A 85 -3.24 0.32 23.27
CA GLU A 85 -1.85 0.65 23.65
C GLU A 85 -0.85 0.01 22.68
N LYS A 86 0.10 0.80 22.23
CA LYS A 86 1.14 0.29 21.35
C LYS A 86 2.47 1.00 21.60
N LEU A 87 3.55 0.24 21.44
CA LEU A 87 4.90 0.79 21.53
C LEU A 87 5.53 0.78 20.14
N LYS A 88 4.67 0.67 19.14
CA LYS A 88 5.10 0.58 17.75
C LYS A 88 5.65 1.92 17.26
N GLN A 89 6.96 1.97 17.11
CA GLN A 89 7.62 3.12 16.51
C GLN A 89 8.54 2.64 15.40
N LYS A 90 9.47 1.76 15.75
CA LYS A 90 10.37 1.17 14.78
C LYS A 90 11.05 -0.05 15.38
N LEU A 91 10.55 -1.22 15.03
CA LEU A 91 11.10 -2.47 15.53
C LEU A 91 11.70 -3.27 14.39
N HIS A 92 12.40 -2.57 13.50
CA HIS A 92 12.87 -3.15 12.24
C HIS A 92 11.67 -3.58 11.41
N THR A 93 10.60 -2.81 11.54
CA THR A 93 9.37 -3.05 10.82
C THR A 93 9.02 -1.83 9.98
N ASP A 94 7.97 -1.94 9.18
CA ASP A 94 7.47 -0.83 8.38
C ASP A 94 8.54 -0.33 7.41
N ASP A 95 9.40 -1.25 7.01
CA ASP A 95 10.43 -0.95 6.03
C ASP A 95 9.91 -1.27 4.64
N GLU A 96 8.95 -2.19 4.62
CA GLU A 96 8.25 -2.55 3.40
C GLU A 96 6.89 -1.85 3.39
N LEU A 97 6.56 -1.22 4.51
CA LEU A 97 5.36 -0.42 4.63
C LEU A 97 5.72 1.05 4.78
N ASN A 98 5.88 1.75 3.66
CA ASN A 98 6.21 3.17 3.70
C ASN A 98 4.93 3.99 3.81
N TRP A 99 4.63 4.44 5.01
CA TRP A 99 3.41 5.20 5.26
C TRP A 99 3.49 6.58 4.61
N LEU A 100 2.45 6.92 3.85
CA LEU A 100 2.34 8.23 3.24
C LEU A 100 0.87 8.55 2.99
N ASP A 101 0.58 9.82 2.75
CA ASP A 101 -0.79 10.23 2.46
C ASP A 101 -0.84 10.97 1.13
N HIS A 102 -2.04 11.28 0.67
CA HIS A 102 -2.22 11.98 -0.59
C HIS A 102 -1.62 13.38 -0.50
N GLY A 103 -1.49 14.04 -1.63
CA GLY A 103 -0.79 15.30 -1.67
C GLY A 103 0.65 15.14 -2.14
N ARG A 104 0.91 13.99 -2.76
CA ARG A 104 2.22 13.68 -3.32
C ARG A 104 2.04 12.97 -4.64
N THR A 105 3.13 12.64 -5.29
CA THR A 105 3.10 11.90 -6.53
C THR A 105 4.01 10.68 -6.43
N LEU A 106 4.10 9.91 -7.51
CA LEU A 106 4.97 8.75 -7.54
C LEU A 106 6.43 9.17 -7.63
N ARG A 107 6.67 10.31 -8.28
CA ARG A 107 8.03 10.77 -8.49
C ARG A 107 8.64 11.31 -7.20
N GLU A 108 7.80 11.94 -6.37
CA GLU A 108 8.26 12.46 -5.08
C GLU A 108 8.68 11.31 -4.18
N GLN A 109 8.03 10.17 -4.36
CA GLN A 109 8.31 9.01 -3.56
C GLN A 109 9.46 8.20 -4.16
N GLY A 110 9.72 8.43 -5.43
CA GLY A 110 10.74 7.67 -6.12
C GLY A 110 10.33 6.22 -6.32
N VAL A 111 9.04 6.00 -6.53
CA VAL A 111 8.52 4.65 -6.68
C VAL A 111 8.17 4.37 -8.14
N GLU A 112 8.21 3.09 -8.52
CA GLU A 112 8.03 2.67 -9.90
C GLU A 112 6.54 2.64 -10.27
N GLU A 113 6.22 1.94 -11.36
CA GLU A 113 4.85 1.82 -11.83
C GLU A 113 4.36 0.37 -11.76
N HIS A 114 5.13 -0.48 -11.09
CA HIS A 114 4.86 -1.91 -11.06
C HIS A 114 4.90 -2.43 -9.61
N GLU A 115 4.53 -1.57 -8.70
CA GLU A 115 4.62 -1.87 -7.27
C GLU A 115 3.27 -2.29 -6.71
N THR A 116 3.10 -2.19 -5.40
CA THR A 116 1.85 -2.53 -4.76
C THR A 116 1.41 -1.41 -3.82
N LEU A 117 0.15 -1.02 -3.90
CA LEU A 117 -0.39 0.00 -3.01
C LEU A 117 -1.16 -0.67 -1.89
N LEU A 118 -0.80 -0.35 -0.66
CA LEU A 118 -1.44 -0.92 0.51
C LEU A 118 -2.45 0.06 1.07
N LEU A 119 -3.69 -0.38 1.19
CA LEU A 119 -4.72 0.44 1.77
C LEU A 119 -5.08 -0.12 3.15
N ARG A 120 -4.99 0.73 4.17
CA ARG A 120 -5.11 0.28 5.54
C ARG A 120 -5.60 1.40 6.43
N ARG A 121 -6.28 1.06 7.50
CA ARG A 121 -6.54 2.03 8.55
C ARG A 121 -5.32 2.08 9.46
N LYS A 122 -5.03 3.24 10.02
CA LYS A 122 -3.71 3.51 10.63
C LYS A 122 -3.26 2.39 11.57
N PHE A 123 -4.09 2.05 12.53
CA PHE A 123 -3.77 0.97 13.44
C PHE A 123 -4.74 -0.19 13.27
N PHE A 124 -4.23 -1.40 13.39
CA PHE A 124 -4.99 -2.60 13.07
C PHE A 124 -5.74 -3.14 14.28
N TYR A 125 -5.09 -3.13 15.44
CA TYR A 125 -5.66 -3.67 16.67
C TYR A 125 -6.27 -5.06 16.46
N SER A 126 -5.50 -5.94 15.84
CA SER A 126 -5.93 -7.31 15.63
C SER A 126 -5.74 -8.13 16.91
N ASP A 127 -6.65 -7.94 17.84
CA ASP A 127 -6.59 -8.63 19.12
C ASP A 127 -7.65 -9.73 19.14
N GLN A 128 -7.20 -10.97 19.00
CA GLN A 128 -8.10 -12.12 18.99
C GLN A 128 -8.84 -12.24 20.30
N SER A 1 10.44 -6.55 -26.65
CA SER A 1 9.43 -5.57 -27.12
C SER A 1 8.32 -5.41 -26.08
N SER A 2 7.74 -6.53 -25.67
CA SER A 2 6.67 -6.52 -24.71
C SER A 2 7.21 -6.51 -23.28
N GLY A 3 6.38 -6.05 -22.35
CA GLY A 3 6.79 -5.96 -20.97
C GLY A 3 6.17 -4.76 -20.29
N LEU A 4 6.38 -4.64 -18.99
CA LEU A 4 5.87 -3.50 -18.25
C LEU A 4 6.76 -2.29 -18.47
N VAL A 5 6.28 -1.33 -19.23
CA VAL A 5 7.02 -0.10 -19.48
C VAL A 5 6.57 0.97 -18.50
N PRO A 6 7.41 1.29 -17.51
CA PRO A 6 7.09 2.27 -16.48
C PRO A 6 6.99 3.67 -17.05
N ARG A 7 5.90 4.36 -16.74
CA ARG A 7 5.65 5.71 -17.24
C ARG A 7 4.94 6.53 -16.18
N GLY A 8 5.22 7.83 -16.16
CA GLY A 8 4.50 8.72 -15.27
C GLY A 8 3.09 8.97 -15.79
N SER A 9 2.13 8.27 -15.18
CA SER A 9 0.71 8.38 -15.58
C SER A 9 0.47 7.71 -16.93
N HIS A 10 0.07 6.45 -16.89
CA HIS A 10 -0.28 5.70 -18.09
C HIS A 10 -1.19 4.54 -17.73
N MET A 11 -1.92 4.02 -18.72
CA MET A 11 -2.87 2.94 -18.48
C MET A 11 -2.16 1.63 -18.19
N ARG A 12 -2.35 1.13 -16.98
CA ARG A 12 -1.72 -0.11 -16.55
C ARG A 12 -2.47 -0.74 -15.38
N PRO A 13 -2.55 -2.07 -15.31
CA PRO A 13 -3.09 -2.76 -14.14
C PRO A 13 -2.07 -2.78 -12.99
N LEU A 14 -2.42 -2.18 -11.87
CA LEU A 14 -1.49 -2.07 -10.75
C LEU A 14 -1.97 -2.91 -9.58
N LYS A 15 -1.01 -3.45 -8.82
CA LYS A 15 -1.32 -4.31 -7.69
C LYS A 15 -1.59 -3.49 -6.44
N ILE A 16 -2.86 -3.41 -6.06
CA ILE A 16 -3.24 -2.73 -4.83
C ILE A 16 -3.81 -3.74 -3.83
N ARG A 17 -3.36 -3.67 -2.59
CA ARG A 17 -3.84 -4.60 -1.58
C ARG A 17 -4.65 -3.86 -0.53
N MET A 18 -5.92 -4.23 -0.41
CA MET A 18 -6.85 -3.57 0.48
C MET A 18 -6.84 -4.22 1.85
N LEU A 19 -6.62 -3.41 2.88
CA LEU A 19 -6.60 -3.86 4.26
C LEU A 19 -5.50 -4.89 4.49
N ASP A 20 -4.76 -5.17 3.42
CA ASP A 20 -3.61 -6.08 3.44
C ASP A 20 -4.11 -7.53 3.49
N GLY A 21 -5.35 -7.71 3.07
CA GLY A 21 -5.91 -9.04 2.99
C GLY A 21 -5.99 -9.52 1.56
N THR A 22 -6.54 -8.70 0.68
CA THR A 22 -6.74 -9.10 -0.70
C THR A 22 -6.13 -8.09 -1.68
N VAL A 23 -5.54 -8.60 -2.75
CA VAL A 23 -5.00 -7.77 -3.81
C VAL A 23 -6.02 -7.66 -4.94
N LYS A 24 -6.22 -6.45 -5.44
CA LYS A 24 -7.14 -6.22 -6.54
C LYS A 24 -6.39 -5.68 -7.73
N THR A 25 -6.69 -6.21 -8.89
CA THR A 25 -6.12 -5.69 -10.13
C THR A 25 -6.97 -4.54 -10.64
N ILE A 26 -6.49 -3.32 -10.44
CA ILE A 26 -7.24 -2.13 -10.84
C ILE A 26 -6.53 -1.41 -11.97
N MET A 27 -7.33 -0.89 -12.89
CA MET A 27 -6.81 -0.15 -14.04
C MET A 27 -6.33 1.22 -13.59
N VAL A 28 -5.07 1.49 -13.78
CA VAL A 28 -4.48 2.77 -13.42
C VAL A 28 -4.12 3.55 -14.66
N ASP A 29 -4.25 4.86 -14.57
CA ASP A 29 -3.83 5.75 -15.64
C ASP A 29 -3.35 7.06 -15.05
N ASP A 30 -3.87 7.34 -13.88
CA ASP A 30 -3.53 8.54 -13.10
C ASP A 30 -4.06 9.80 -13.78
N SER A 31 -4.17 10.87 -13.03
CA SER A 31 -4.66 12.14 -13.56
C SER A 31 -4.08 13.31 -12.76
N LYS A 32 -4.03 13.16 -11.44
CA LYS A 32 -3.49 14.21 -10.59
C LYS A 32 -3.00 13.63 -9.27
N THR A 33 -1.74 13.21 -9.26
CA THR A 33 -1.06 12.70 -8.08
C THR A 33 -1.77 11.50 -7.45
N VAL A 34 -1.26 11.05 -6.32
CA VAL A 34 -1.85 9.92 -5.59
C VAL A 34 -3.29 10.24 -5.17
N THR A 35 -3.58 11.52 -4.98
CA THR A 35 -4.91 11.94 -4.53
C THR A 35 -6.00 11.49 -5.50
N ASP A 36 -5.75 11.64 -6.79
CA ASP A 36 -6.75 11.27 -7.80
C ASP A 36 -6.76 9.75 -7.99
N MET A 37 -5.58 9.18 -8.13
CA MET A 37 -5.43 7.75 -8.36
C MET A 37 -6.10 6.93 -7.26
N LEU A 38 -5.74 7.22 -6.02
CA LEU A 38 -6.18 6.41 -4.88
C LEU A 38 -7.67 6.56 -4.62
N MET A 39 -8.19 7.79 -4.66
CA MET A 39 -9.62 8.01 -4.41
C MET A 39 -10.45 7.34 -5.50
N THR A 40 -9.84 7.14 -6.66
CA THR A 40 -10.48 6.36 -7.71
C THR A 40 -10.44 4.88 -7.35
N ILE A 41 -9.25 4.39 -7.05
CA ILE A 41 -9.02 2.99 -6.66
C ILE A 41 -9.96 2.55 -5.53
N CYS A 42 -10.01 3.33 -4.46
CA CYS A 42 -10.82 2.96 -3.31
C CYS A 42 -12.31 3.03 -3.65
N ALA A 43 -12.66 3.89 -4.58
CA ALA A 43 -14.05 4.02 -5.02
C ALA A 43 -14.45 2.84 -5.88
N ARG A 44 -13.47 2.23 -6.55
CA ARG A 44 -13.73 1.11 -7.45
C ARG A 44 -14.32 -0.08 -6.70
N ILE A 45 -13.93 -0.24 -5.44
CA ILE A 45 -14.46 -1.32 -4.63
C ILE A 45 -15.53 -0.80 -3.66
N GLY A 46 -15.43 0.47 -3.29
CA GLY A 46 -16.44 1.07 -2.44
C GLY A 46 -15.94 1.35 -1.03
N ILE A 47 -14.84 2.07 -0.92
CA ILE A 47 -14.34 2.48 0.39
C ILE A 47 -14.55 3.98 0.61
N THR A 48 -13.71 4.80 -0.05
CA THR A 48 -13.73 6.25 0.15
C THR A 48 -13.37 6.62 1.59
N ASN A 49 -14.35 6.53 2.50
CA ASN A 49 -14.11 6.69 3.94
C ASN A 49 -13.47 8.03 4.28
N HIS A 50 -13.59 9.00 3.36
CA HIS A 50 -12.96 10.33 3.48
C HIS A 50 -11.44 10.21 3.49
N ASP A 51 -10.94 9.73 4.62
CA ASP A 51 -9.51 9.60 4.87
C ASP A 51 -8.97 8.31 4.27
N GLU A 52 -9.89 7.43 3.88
CA GLU A 52 -9.58 6.08 3.43
C GLU A 52 -8.44 5.44 4.21
N TYR A 53 -8.55 5.48 5.53
CA TYR A 53 -7.57 4.87 6.43
C TYR A 53 -6.23 5.60 6.36
N SER A 54 -5.41 5.18 5.41
CA SER A 54 -4.08 5.72 5.18
C SER A 54 -3.36 4.80 4.21
N LEU A 55 -2.57 5.36 3.31
CA LEU A 55 -1.92 4.54 2.31
C LEU A 55 -0.48 4.24 2.71
N VAL A 56 0.00 3.08 2.31
CA VAL A 56 1.36 2.68 2.59
C VAL A 56 1.95 1.95 1.37
N ARG A 57 3.22 2.20 1.12
CA ARG A 57 3.94 1.50 0.08
C ARG A 57 4.52 0.20 0.60
N GLU A 58 4.12 -0.92 0.01
CA GLU A 58 4.78 -2.17 0.29
C GLU A 58 5.92 -2.35 -0.70
N LEU A 59 7.12 -2.03 -0.25
CA LEU A 59 8.29 -2.11 -1.11
C LEU A 59 8.57 -3.55 -1.52
N MET A 60 8.74 -3.74 -2.81
CA MET A 60 8.98 -5.07 -3.36
C MET A 60 10.38 -5.56 -3.01
N GLU A 61 10.62 -6.84 -3.22
CA GLU A 61 11.94 -7.42 -3.00
C GLU A 61 12.95 -6.75 -3.93
N GLU A 62 14.19 -6.62 -3.44
CA GLU A 62 15.25 -5.88 -4.11
C GLU A 62 14.95 -4.39 -4.04
N LYS A 63 15.03 -3.87 -2.82
CA LYS A 63 14.75 -2.48 -2.55
C LYS A 63 15.44 -2.05 -1.27
N LYS A 64 15.00 -2.61 -0.16
CA LYS A 64 15.57 -2.32 1.14
C LYS A 64 16.80 -3.19 1.36
N ASP A 65 16.75 -4.39 0.81
CA ASP A 65 17.86 -5.32 0.88
C ASP A 65 18.96 -4.88 -0.07
N GLU A 66 20.16 -4.67 0.49
CA GLU A 66 21.28 -4.16 -0.27
C GLU A 66 22.58 -4.69 0.35
N GLY A 67 22.48 -5.83 1.02
CA GLY A 67 23.63 -6.39 1.69
C GLY A 67 24.17 -7.60 0.97
N THR A 68 25.29 -7.44 0.29
CA THR A 68 25.91 -8.52 -0.45
C THR A 68 26.54 -9.53 0.52
N GLY A 69 27.38 -9.02 1.41
CA GLY A 69 27.99 -9.85 2.43
C GLY A 69 28.48 -9.03 3.59
N THR A 70 27.73 -7.97 3.90
CA THR A 70 28.10 -7.03 4.94
C THR A 70 28.16 -7.69 6.32
N LEU A 71 27.00 -8.09 6.82
CA LEU A 71 26.88 -8.64 8.17
C LEU A 71 27.42 -7.63 9.20
N ARG A 72 27.68 -8.10 10.41
CA ARG A 72 28.35 -7.31 11.45
C ARG A 72 27.46 -6.21 12.02
N LYS A 73 26.32 -5.93 11.37
CA LYS A 73 25.43 -4.89 11.84
C LYS A 73 24.56 -5.41 12.97
N ASP A 74 23.54 -6.19 12.60
CA ASP A 74 22.69 -6.85 13.59
C ASP A 74 23.37 -8.10 14.11
N LYS A 75 24.04 -8.80 13.21
CA LYS A 75 24.81 -9.97 13.59
C LYS A 75 26.30 -9.65 13.55
N THR A 76 26.78 -9.03 14.61
CA THR A 76 28.20 -8.75 14.74
C THR A 76 28.93 -10.04 15.09
N LEU A 77 28.31 -10.81 15.96
CA LEU A 77 28.79 -12.14 16.31
C LEU A 77 27.79 -13.16 15.79
N LEU A 78 28.27 -14.14 15.06
CA LEU A 78 27.42 -15.17 14.50
C LEU A 78 28.07 -16.54 14.65
N ARG A 79 29.36 -16.53 14.98
CA ARG A 79 30.15 -17.75 15.22
C ARG A 79 30.43 -18.50 13.92
N ASP A 80 29.37 -18.95 13.26
CA ASP A 80 29.51 -19.76 12.06
C ASP A 80 28.20 -19.84 11.29
N GLU A 81 27.09 -19.80 12.04
CA GLU A 81 25.76 -19.92 11.44
C GLU A 81 25.47 -18.82 10.44
N LYS A 82 25.42 -19.20 9.18
CA LYS A 82 25.09 -18.27 8.11
C LYS A 82 23.57 -18.20 7.94
N LYS A 83 22.99 -17.10 8.41
CA LYS A 83 21.55 -16.91 8.29
C LYS A 83 21.24 -16.05 7.09
N MET A 84 20.71 -16.68 6.04
CA MET A 84 20.43 -15.99 4.78
C MET A 84 19.24 -15.05 4.94
N GLU A 85 19.30 -13.92 4.25
CA GLU A 85 18.21 -12.95 4.27
C GLU A 85 16.94 -13.56 3.69
N LYS A 86 17.09 -14.38 2.66
CA LYS A 86 15.99 -15.17 2.16
C LYS A 86 16.14 -16.62 2.65
N LEU A 87 15.50 -16.92 3.76
CA LEU A 87 15.61 -18.25 4.35
C LEU A 87 14.22 -18.84 4.57
N LYS A 88 13.39 -18.12 5.31
CA LYS A 88 12.04 -18.57 5.57
C LYS A 88 11.08 -17.39 5.70
N GLN A 89 10.34 -17.13 4.62
CA GLN A 89 9.21 -16.18 4.63
C GLN A 89 9.64 -14.74 4.93
N LYS A 90 9.65 -13.91 3.90
CA LYS A 90 9.83 -12.48 4.07
C LYS A 90 8.46 -11.86 4.37
N LEU A 91 8.26 -11.49 5.63
CA LEU A 91 6.92 -11.18 6.15
C LEU A 91 6.42 -9.83 5.66
N HIS A 92 7.33 -8.93 5.31
CA HIS A 92 7.00 -7.54 5.02
C HIS A 92 6.58 -6.82 6.29
N THR A 93 7.57 -6.31 6.99
CA THR A 93 7.38 -5.69 8.29
C THR A 93 7.09 -4.20 8.14
N ASP A 94 6.88 -3.53 9.27
CA ASP A 94 6.60 -2.09 9.27
C ASP A 94 7.87 -1.29 8.98
N ASP A 95 8.90 -2.02 8.62
CA ASP A 95 10.15 -1.43 8.20
C ASP A 95 10.13 -1.25 6.68
N GLU A 96 9.57 -2.25 6.02
CA GLU A 96 9.45 -2.27 4.58
C GLU A 96 8.23 -1.47 4.11
N LEU A 97 7.35 -1.17 5.06
CA LEU A 97 6.15 -0.39 4.78
C LEU A 97 6.43 1.10 4.86
N ASN A 98 6.30 1.79 3.73
CA ASN A 98 6.52 3.23 3.67
C ASN A 98 5.19 3.96 3.49
N TRP A 99 4.69 4.53 4.56
CA TRP A 99 3.39 5.21 4.54
C TRP A 99 3.45 6.50 3.72
N LEU A 100 2.34 6.84 3.08
CA LEU A 100 2.24 8.07 2.30
C LEU A 100 0.80 8.54 2.23
N ASP A 101 0.61 9.80 1.84
CA ASP A 101 -0.72 10.37 1.71
C ASP A 101 -0.97 10.76 0.25
N HIS A 102 -2.10 11.42 0.00
CA HIS A 102 -2.51 11.73 -1.36
C HIS A 102 -1.71 12.87 -1.97
N GLY A 103 -1.17 13.73 -1.12
CA GLY A 103 -0.44 14.89 -1.61
C GLY A 103 0.97 14.55 -2.01
N ARG A 104 1.09 13.62 -2.96
CA ARG A 104 2.37 13.12 -3.41
C ARG A 104 2.24 12.52 -4.79
N THR A 105 3.32 12.57 -5.55
CA THR A 105 3.40 11.88 -6.82
C THR A 105 4.28 10.65 -6.69
N LEU A 106 4.34 9.85 -7.74
CA LEU A 106 5.12 8.61 -7.69
C LEU A 106 6.61 8.92 -7.67
N ARG A 107 7.01 9.94 -8.44
CA ARG A 107 8.40 10.33 -8.53
C ARG A 107 8.91 10.94 -7.22
N GLU A 108 8.01 11.58 -6.48
CA GLU A 108 8.37 12.13 -5.16
C GLU A 108 8.81 11.02 -4.23
N GLN A 109 7.95 10.04 -4.08
CA GLN A 109 8.19 8.95 -3.14
C GLN A 109 9.30 8.06 -3.63
N GLY A 110 9.49 8.05 -4.95
CA GLY A 110 10.43 7.12 -5.55
C GLY A 110 9.82 5.74 -5.63
N VAL A 111 8.53 5.70 -5.93
CA VAL A 111 7.80 4.45 -5.97
C VAL A 111 7.53 4.01 -7.40
N GLU A 112 8.13 2.89 -7.77
CA GLU A 112 7.89 2.27 -9.05
C GLU A 112 6.46 1.76 -9.14
N GLU A 113 5.93 1.68 -10.34
CA GLU A 113 4.56 1.25 -10.55
C GLU A 113 4.45 -0.26 -10.44
N HIS A 114 5.57 -0.95 -10.30
CA HIS A 114 5.55 -2.40 -10.12
C HIS A 114 5.52 -2.76 -8.65
N GLU A 115 5.49 -1.73 -7.79
CA GLU A 115 5.37 -1.94 -6.35
C GLU A 115 3.93 -2.28 -5.99
N THR A 116 3.67 -2.58 -4.72
CA THR A 116 2.33 -2.89 -4.28
C THR A 116 1.80 -1.77 -3.37
N LEU A 117 0.67 -1.20 -3.74
CA LEU A 117 0.04 -0.16 -2.94
C LEU A 117 -0.73 -0.81 -1.81
N LEU A 118 -0.33 -0.52 -0.59
CA LEU A 118 -0.93 -1.11 0.58
C LEU A 118 -1.91 -0.13 1.22
N LEU A 119 -3.14 -0.57 1.44
CA LEU A 119 -4.11 0.21 2.17
C LEU A 119 -4.26 -0.37 3.57
N ARG A 120 -3.98 0.43 4.58
CA ARG A 120 -3.96 -0.06 5.95
C ARG A 120 -4.43 1.01 6.92
N ARG A 121 -5.04 0.59 8.03
CA ARG A 121 -5.55 1.52 9.01
C ARG A 121 -4.52 1.86 10.06
N LYS A 122 -4.59 3.09 10.55
CA LYS A 122 -3.79 3.54 11.69
C LYS A 122 -4.61 4.53 12.50
N PHE A 123 -5.39 5.35 11.79
CA PHE A 123 -6.34 6.23 12.42
C PHE A 123 -7.70 5.55 12.48
N PHE A 124 -8.29 5.54 13.66
CA PHE A 124 -9.54 4.83 13.86
C PHE A 124 -10.72 5.80 13.90
N TYR A 125 -11.44 5.89 12.79
CA TYR A 125 -12.64 6.71 12.71
C TYR A 125 -13.87 5.86 12.97
N SER A 126 -13.62 4.66 13.46
CA SER A 126 -14.67 3.73 13.82
C SER A 126 -14.27 2.99 15.09
N ASP A 127 -14.89 3.34 16.20
CA ASP A 127 -14.58 2.73 17.49
C ASP A 127 -15.08 1.29 17.52
N GLN A 128 -16.13 1.04 16.74
CA GLN A 128 -16.71 -0.30 16.57
C GLN A 128 -16.84 -1.05 17.90
N SER A 1 -2.79 -5.28 -24.59
CA SER A 1 -2.39 -5.15 -23.17
C SER A 1 -1.99 -3.70 -22.89
N SER A 2 -2.38 -3.20 -21.73
CA SER A 2 -2.03 -1.86 -21.34
C SER A 2 -0.98 -1.88 -20.23
N GLY A 3 -0.08 -0.91 -20.28
CA GLY A 3 1.00 -0.86 -19.31
C GLY A 3 2.32 -0.53 -19.98
N LEU A 4 2.26 0.31 -21.01
CA LEU A 4 3.45 0.69 -21.75
C LEU A 4 3.56 2.21 -21.89
N VAL A 5 4.72 2.65 -22.38
CA VAL A 5 5.02 4.08 -22.55
C VAL A 5 4.98 4.82 -21.21
N PRO A 6 6.11 4.80 -20.49
CA PRO A 6 6.27 5.50 -19.23
C PRO A 6 6.71 6.96 -19.44
N ARG A 7 5.73 7.83 -19.59
CA ARG A 7 6.01 9.25 -19.77
C ARG A 7 5.39 10.05 -18.62
N GLY A 8 4.11 9.84 -18.40
CA GLY A 8 3.40 10.51 -17.33
C GLY A 8 1.97 10.02 -17.24
N SER A 9 1.20 10.28 -18.27
CA SER A 9 -0.16 9.78 -18.35
C SER A 9 -0.17 8.46 -19.10
N HIS A 10 -0.49 7.38 -18.39
CA HIS A 10 -0.45 6.05 -18.99
C HIS A 10 -1.34 5.06 -18.25
N MET A 11 -2.04 4.26 -19.01
CA MET A 11 -2.90 3.23 -18.45
C MET A 11 -2.06 2.03 -18.04
N ARG A 12 -2.01 1.76 -16.75
CA ARG A 12 -1.17 0.70 -16.23
C ARG A 12 -1.89 -0.10 -15.15
N PRO A 13 -1.57 -1.40 -15.04
CA PRO A 13 -2.06 -2.24 -13.95
C PRO A 13 -1.27 -2.01 -12.66
N LEU A 14 -1.97 -1.67 -11.60
CA LEU A 14 -1.32 -1.46 -10.31
C LEU A 14 -1.78 -2.51 -9.32
N LYS A 15 -0.83 -3.03 -8.55
CA LYS A 15 -1.13 -4.02 -7.53
C LYS A 15 -1.41 -3.32 -6.21
N ILE A 16 -2.68 -3.19 -5.87
CA ILE A 16 -3.06 -2.58 -4.61
C ILE A 16 -3.49 -3.66 -3.62
N ARG A 17 -3.19 -3.44 -2.36
CA ARG A 17 -3.51 -4.42 -1.34
C ARG A 17 -4.40 -3.80 -0.28
N MET A 18 -5.65 -4.22 -0.26
CA MET A 18 -6.64 -3.66 0.64
C MET A 18 -6.62 -4.30 2.02
N LEU A 19 -7.57 -3.87 2.85
CA LEU A 19 -7.65 -4.21 4.28
C LEU A 19 -7.49 -5.72 4.54
N ASP A 20 -8.22 -6.52 3.79
CA ASP A 20 -8.22 -7.98 3.99
C ASP A 20 -6.92 -8.62 3.50
N GLY A 21 -5.99 -7.79 3.06
CA GLY A 21 -4.76 -8.30 2.48
C GLY A 21 -4.93 -8.58 1.02
N THR A 22 -6.12 -8.28 0.52
CA THR A 22 -6.49 -8.53 -0.86
C THR A 22 -5.66 -7.70 -1.84
N VAL A 23 -4.94 -8.39 -2.71
CA VAL A 23 -4.24 -7.72 -3.80
C VAL A 23 -5.11 -7.72 -5.05
N LYS A 24 -5.51 -6.55 -5.48
CA LYS A 24 -6.34 -6.41 -6.66
C LYS A 24 -5.57 -5.65 -7.73
N THR A 25 -5.64 -6.15 -8.95
CA THR A 25 -5.05 -5.47 -10.08
C THR A 25 -6.05 -4.48 -10.67
N ILE A 26 -5.84 -3.20 -10.38
CA ILE A 26 -6.74 -2.16 -10.83
C ILE A 26 -6.12 -1.35 -11.96
N MET A 27 -6.93 -0.99 -12.94
CA MET A 27 -6.49 -0.19 -14.07
C MET A 27 -6.26 1.25 -13.63
N VAL A 28 -5.02 1.70 -13.73
CA VAL A 28 -4.68 3.07 -13.38
C VAL A 28 -4.38 3.85 -14.64
N ASP A 29 -4.91 5.05 -14.72
CA ASP A 29 -4.68 5.90 -15.88
C ASP A 29 -3.54 6.87 -15.57
N ASP A 30 -3.30 6.98 -14.28
CA ASP A 30 -2.15 7.72 -13.74
C ASP A 30 -2.27 9.20 -14.04
N SER A 31 -1.12 9.87 -14.17
CA SER A 31 -1.05 11.29 -14.54
C SER A 31 -1.42 12.21 -13.37
N LYS A 32 -2.36 11.77 -12.53
CA LYS A 32 -2.81 12.57 -11.40
C LYS A 32 -2.06 12.21 -10.12
N THR A 33 -2.36 12.92 -9.04
CA THR A 33 -1.71 12.70 -7.76
C THR A 33 -2.19 11.41 -7.09
N VAL A 34 -1.50 11.00 -6.04
CA VAL A 34 -1.95 9.87 -5.22
C VAL A 34 -3.33 10.16 -4.67
N THR A 35 -3.55 11.42 -4.35
CA THR A 35 -4.82 11.92 -3.88
C THR A 35 -6.00 11.46 -4.76
N ASP A 36 -5.95 11.84 -6.04
CA ASP A 36 -7.02 11.50 -6.98
C ASP A 36 -6.97 10.02 -7.37
N MET A 37 -5.76 9.53 -7.61
CA MET A 37 -5.55 8.14 -8.02
C MET A 37 -6.14 7.18 -6.98
N LEU A 38 -5.76 7.38 -5.73
CA LEU A 38 -6.13 6.48 -4.65
C LEU A 38 -7.61 6.60 -4.30
N MET A 39 -8.15 7.80 -4.33
CA MET A 39 -9.57 8.00 -4.01
C MET A 39 -10.43 7.35 -5.09
N THR A 40 -9.88 7.26 -6.29
CA THR A 40 -10.51 6.51 -7.36
C THR A 40 -10.47 5.02 -7.04
N ILE A 41 -9.27 4.53 -6.77
CA ILE A 41 -9.04 3.12 -6.44
C ILE A 41 -9.97 2.61 -5.34
N CYS A 42 -10.07 3.34 -4.23
CA CYS A 42 -10.92 2.92 -3.13
C CYS A 42 -12.40 2.97 -3.53
N ALA A 43 -12.74 3.94 -4.35
CA ALA A 43 -14.11 4.09 -4.84
C ALA A 43 -14.47 2.95 -5.79
N ARG A 44 -13.48 2.50 -6.58
CA ARG A 44 -13.69 1.40 -7.52
C ARG A 44 -14.23 0.16 -6.82
N ILE A 45 -13.71 -0.14 -5.64
CA ILE A 45 -14.13 -1.31 -4.91
C ILE A 45 -15.29 -1.02 -3.97
N GLY A 46 -15.70 0.25 -3.91
CA GLY A 46 -16.87 0.62 -3.14
C GLY A 46 -16.56 1.00 -1.71
N ILE A 47 -15.43 1.65 -1.49
CA ILE A 47 -15.07 2.12 -0.17
C ILE A 47 -15.37 3.62 -0.03
N THR A 48 -16.20 3.95 0.94
CA THR A 48 -16.49 5.33 1.26
C THR A 48 -15.53 5.80 2.35
N ASN A 49 -14.71 6.79 2.02
CA ASN A 49 -13.60 7.15 2.88
C ASN A 49 -13.99 8.17 3.94
N HIS A 50 -13.72 7.83 5.19
CA HIS A 50 -13.80 8.79 6.29
C HIS A 50 -12.46 9.49 6.41
N ASP A 51 -11.57 9.21 5.43
CA ASP A 51 -10.18 9.66 5.45
C ASP A 51 -9.44 8.97 6.59
N GLU A 52 -9.97 7.82 6.96
CA GLU A 52 -9.38 6.97 7.99
C GLU A 52 -8.22 6.18 7.42
N TYR A 53 -8.34 5.86 6.14
CA TYR A 53 -7.42 4.94 5.50
C TYR A 53 -6.15 5.64 5.05
N SER A 54 -5.03 5.15 5.54
CA SER A 54 -3.74 5.65 5.12
C SER A 54 -3.11 4.65 4.15
N LEU A 55 -2.19 5.09 3.32
CA LEU A 55 -1.61 4.22 2.33
C LEU A 55 -0.15 3.93 2.62
N VAL A 56 0.30 2.74 2.24
CA VAL A 56 1.70 2.36 2.44
C VAL A 56 2.24 1.75 1.16
N ARG A 57 3.55 1.87 0.97
CA ARG A 57 4.23 1.18 -0.11
C ARG A 57 4.84 -0.11 0.43
N GLU A 58 4.31 -1.24 0.00
CA GLU A 58 4.79 -2.53 0.46
C GLU A 58 5.95 -3.00 -0.39
N LEU A 59 7.15 -2.95 0.17
CA LEU A 59 8.35 -3.38 -0.52
C LEU A 59 8.48 -4.90 -0.48
N MET A 60 8.88 -5.48 -1.60
CA MET A 60 9.03 -6.93 -1.71
C MET A 60 10.34 -7.38 -1.09
N GLU A 61 10.59 -6.96 0.14
CA GLU A 61 11.82 -7.29 0.83
C GLU A 61 11.57 -8.09 2.10
N GLU A 62 10.38 -8.63 2.27
CA GLU A 62 10.15 -9.56 3.37
C GLU A 62 10.86 -10.85 3.02
N LYS A 63 12.07 -11.02 3.54
CA LYS A 63 12.95 -12.08 3.10
C LYS A 63 12.65 -13.39 3.80
N LYS A 64 12.21 -14.36 3.02
CA LYS A 64 12.10 -15.73 3.50
C LYS A 64 13.18 -16.54 2.81
N ASP A 65 14.38 -16.54 3.38
CA ASP A 65 15.53 -17.12 2.71
C ASP A 65 15.56 -18.63 2.87
N GLU A 66 16.19 -19.28 1.91
CA GLU A 66 16.29 -20.73 1.86
C GLU A 66 17.20 -21.26 2.97
N GLY A 67 18.07 -20.40 3.49
CA GLY A 67 18.96 -20.78 4.56
C GLY A 67 18.23 -20.97 5.88
N THR A 68 18.28 -22.20 6.39
CA THR A 68 17.56 -22.54 7.62
C THR A 68 18.08 -21.75 8.82
N GLY A 69 19.34 -21.33 8.77
CA GLY A 69 19.91 -20.57 9.87
C GLY A 69 19.32 -19.19 10.02
N THR A 70 18.70 -18.70 8.95
CA THR A 70 18.11 -17.39 8.97
C THR A 70 16.60 -17.48 9.19
N LEU A 71 16.12 -16.83 10.25
CA LEU A 71 14.69 -16.82 10.55
C LEU A 71 14.17 -15.38 10.62
N ARG A 72 14.96 -14.46 10.11
CA ARG A 72 14.61 -13.04 10.13
C ARG A 72 14.22 -12.57 8.73
N LYS A 73 13.16 -11.77 8.65
CA LYS A 73 12.73 -11.21 7.37
C LYS A 73 13.36 -9.85 7.15
N ASP A 74 13.61 -9.13 8.24
CA ASP A 74 14.23 -7.81 8.18
C ASP A 74 15.72 -7.94 7.89
N LYS A 75 16.05 -8.17 6.61
CA LYS A 75 17.42 -8.40 6.17
C LYS A 75 17.99 -9.70 6.76
N THR A 76 18.36 -10.60 5.87
CA THR A 76 18.73 -11.96 6.25
C THR A 76 20.04 -12.02 7.04
N LEU A 77 21.14 -11.70 6.39
CA LEU A 77 22.45 -11.82 7.03
C LEU A 77 22.96 -10.47 7.48
N LEU A 78 22.03 -9.60 7.80
CA LEU A 78 22.37 -8.33 8.42
C LEU A 78 22.50 -8.59 9.92
N ARG A 79 23.74 -8.59 10.40
CA ARG A 79 23.99 -8.93 11.79
C ARG A 79 23.40 -7.88 12.71
N ASP A 80 22.29 -8.23 13.34
CA ASP A 80 21.58 -7.30 14.19
C ASP A 80 21.35 -7.91 15.57
N GLU A 81 22.45 -8.14 16.27
CA GLU A 81 22.41 -8.63 17.63
C GLU A 81 22.39 -7.46 18.59
N LYS A 82 21.25 -6.81 18.71
CA LYS A 82 21.14 -5.63 19.53
C LYS A 82 20.93 -5.99 20.99
N LYS A 83 22.02 -6.35 21.64
CA LYS A 83 21.99 -6.66 23.05
C LYS A 83 21.81 -5.40 23.87
N MET A 84 20.76 -5.36 24.66
CA MET A 84 20.49 -4.25 25.55
C MET A 84 20.34 -4.79 26.96
N GLU A 85 19.19 -5.39 27.19
CA GLU A 85 18.88 -6.14 28.40
C GLU A 85 17.91 -7.23 27.99
N LYS A 86 17.28 -7.89 28.95
CA LYS A 86 16.30 -8.90 28.59
C LYS A 86 14.95 -8.23 28.32
N LEU A 87 14.82 -7.64 27.14
CA LEU A 87 13.58 -6.98 26.73
C LEU A 87 13.59 -6.74 25.23
N LYS A 88 12.40 -6.76 24.63
CA LYS A 88 12.21 -6.47 23.20
C LYS A 88 12.79 -7.53 22.28
N GLN A 89 12.12 -7.73 21.16
CA GLN A 89 12.59 -8.62 20.11
C GLN A 89 12.39 -7.95 18.76
N LYS A 90 11.23 -7.32 18.60
CA LYS A 90 10.90 -6.57 17.41
C LYS A 90 9.72 -5.66 17.67
N LEU A 91 9.98 -4.49 18.21
CA LEU A 91 8.92 -3.52 18.45
C LEU A 91 9.03 -2.38 17.45
N HIS A 92 8.80 -2.71 16.20
CA HIS A 92 8.85 -1.72 15.13
C HIS A 92 7.97 -2.16 13.97
N THR A 93 8.52 -3.00 13.10
CA THR A 93 7.83 -3.42 11.87
C THR A 93 7.55 -2.17 11.02
N ASP A 94 6.89 -2.34 9.87
CA ASP A 94 6.53 -1.22 9.01
C ASP A 94 7.78 -0.60 8.42
N ASP A 95 8.80 -1.43 8.30
CA ASP A 95 10.03 -1.06 7.62
C ASP A 95 9.89 -1.40 6.15
N GLU A 96 9.21 -2.50 5.89
CA GLU A 96 8.88 -2.90 4.53
C GLU A 96 7.69 -2.11 4.04
N LEU A 97 6.99 -1.51 4.98
CA LEU A 97 5.83 -0.67 4.69
C LEU A 97 6.23 0.80 4.71
N ASN A 98 6.46 1.36 3.54
CA ASN A 98 6.82 2.77 3.45
C ASN A 98 5.58 3.62 3.27
N TRP A 99 5.07 4.15 4.37
CA TRP A 99 3.82 4.88 4.38
C TRP A 99 3.91 6.16 3.56
N LEU A 100 2.79 6.53 2.93
CA LEU A 100 2.70 7.76 2.17
C LEU A 100 1.26 8.29 2.17
N ASP A 101 1.11 9.59 2.04
CA ASP A 101 -0.20 10.23 2.09
C ASP A 101 -0.54 10.91 0.78
N HIS A 102 -1.71 11.51 0.71
CA HIS A 102 -2.17 12.18 -0.50
C HIS A 102 -1.66 13.62 -0.53
N GLY A 103 -0.48 13.82 -1.06
CA GLY A 103 0.04 15.16 -1.24
C GLY A 103 1.16 15.17 -2.24
N ARG A 104 1.19 14.13 -3.05
CA ARG A 104 2.30 13.88 -3.96
C ARG A 104 1.84 12.90 -5.03
N THR A 105 2.73 12.61 -5.95
CA THR A 105 2.48 11.67 -7.01
C THR A 105 3.30 10.40 -6.81
N LEU A 106 3.11 9.41 -7.65
CA LEU A 106 3.86 8.16 -7.50
C LEU A 106 5.30 8.36 -7.95
N ARG A 107 5.53 9.38 -8.76
CA ARG A 107 6.83 9.61 -9.38
C ARG A 107 7.76 10.32 -8.41
N GLU A 108 7.19 11.27 -7.64
CA GLU A 108 7.95 11.98 -6.61
C GLU A 108 8.47 11.02 -5.57
N GLN A 109 7.60 10.12 -5.15
CA GLN A 109 7.88 9.27 -4.02
C GLN A 109 8.67 8.04 -4.44
N GLY A 110 8.55 7.69 -5.72
CA GLY A 110 9.32 6.58 -6.26
C GLY A 110 8.70 5.25 -5.96
N VAL A 111 7.45 5.05 -6.36
CA VAL A 111 6.79 3.78 -6.12
C VAL A 111 6.66 3.00 -7.43
N GLU A 112 7.16 3.60 -8.50
CA GLU A 112 7.22 2.94 -9.81
C GLU A 112 5.87 2.30 -10.17
N GLU A 113 5.91 1.17 -10.87
CA GLU A 113 4.71 0.42 -11.17
C GLU A 113 4.81 -1.01 -10.64
N HIS A 114 5.88 -1.29 -9.91
CA HIS A 114 6.11 -2.64 -9.41
C HIS A 114 5.85 -2.74 -7.90
N GLU A 115 5.71 -1.59 -7.26
CA GLU A 115 5.49 -1.56 -5.81
C GLU A 115 4.03 -1.85 -5.49
N THR A 116 3.80 -2.55 -4.39
CA THR A 116 2.43 -2.87 -3.98
C THR A 116 1.90 -1.79 -3.05
N LEU A 117 0.79 -1.17 -3.43
CA LEU A 117 0.22 -0.09 -2.65
C LEU A 117 -0.77 -0.66 -1.64
N LEU A 118 -0.43 -0.56 -0.36
CA LEU A 118 -1.26 -1.11 0.70
C LEU A 118 -2.18 -0.05 1.28
N LEU A 119 -3.36 -0.48 1.68
CA LEU A 119 -4.26 0.37 2.44
C LEU A 119 -4.26 -0.10 3.89
N ARG A 120 -3.98 0.81 4.80
CA ARG A 120 -4.08 0.52 6.23
C ARG A 120 -4.48 1.79 7.00
N ARG A 121 -5.58 1.70 7.73
CA ARG A 121 -6.06 2.86 8.47
C ARG A 121 -5.36 2.96 9.81
N LYS A 122 -4.30 3.75 9.79
CA LYS A 122 -3.52 4.02 10.97
C LYS A 122 -4.21 5.07 11.83
N PHE A 123 -4.93 5.96 11.19
CA PHE A 123 -5.61 7.03 11.90
C PHE A 123 -7.09 6.70 12.10
N PHE A 124 -7.42 6.31 13.33
CA PHE A 124 -8.81 6.05 13.69
C PHE A 124 -9.45 7.32 14.22
N TYR A 125 -8.60 8.29 14.57
CA TYR A 125 -9.02 9.60 15.07
C TYR A 125 -9.72 9.47 16.43
N SER A 126 -11.02 9.18 16.41
CA SER A 126 -11.80 9.05 17.63
C SER A 126 -13.25 8.71 17.28
N ASP A 127 -14.06 8.48 18.30
CA ASP A 127 -15.49 8.22 18.10
C ASP A 127 -16.31 9.42 18.56
N GLN A 128 -15.62 10.53 18.77
CA GLN A 128 -16.25 11.74 19.23
C GLN A 128 -15.82 12.92 18.36
N SER A 1 -18.04 20.36 -23.10
CA SER A 1 -18.42 19.36 -24.13
C SER A 1 -17.20 19.01 -24.98
N SER A 2 -16.57 17.88 -24.69
CA SER A 2 -15.38 17.42 -25.42
C SER A 2 -14.22 18.40 -25.28
N GLY A 3 -14.27 19.23 -24.24
CA GLY A 3 -13.20 20.18 -24.01
C GLY A 3 -12.16 19.60 -23.08
N LEU A 4 -12.50 18.49 -22.46
CA LEU A 4 -11.60 17.80 -21.55
C LEU A 4 -11.28 16.41 -22.06
N VAL A 5 -10.09 15.93 -21.76
CA VAL A 5 -9.74 14.55 -22.08
C VAL A 5 -10.08 13.66 -20.90
N PRO A 6 -11.11 12.80 -21.06
CA PRO A 6 -11.62 11.97 -19.98
C PRO A 6 -10.76 10.75 -19.69
N ARG A 7 -9.50 10.85 -20.06
CA ARG A 7 -8.52 9.80 -19.79
C ARG A 7 -7.13 10.28 -20.17
N GLY A 8 -6.12 9.52 -19.76
CA GLY A 8 -4.75 9.87 -20.07
C GLY A 8 -4.22 9.10 -21.25
N SER A 9 -5.12 8.38 -21.93
CA SER A 9 -4.79 7.63 -23.13
C SER A 9 -3.82 6.48 -22.83
N HIS A 10 -3.85 6.02 -21.59
CA HIS A 10 -3.00 4.91 -21.17
C HIS A 10 -3.75 4.02 -20.19
N MET A 11 -3.43 2.75 -20.22
CA MET A 11 -4.03 1.79 -19.30
C MET A 11 -2.93 0.98 -18.64
N ARG A 12 -2.93 0.93 -17.32
CA ARG A 12 -1.89 0.19 -16.62
C ARG A 12 -2.43 -0.44 -15.35
N PRO A 13 -2.10 -1.71 -15.11
CA PRO A 13 -2.53 -2.46 -13.93
C PRO A 13 -1.71 -2.09 -12.69
N LEU A 14 -2.41 -1.62 -11.66
CA LEU A 14 -1.76 -1.34 -10.38
C LEU A 14 -2.14 -2.40 -9.36
N LYS A 15 -1.12 -2.94 -8.71
CA LYS A 15 -1.34 -3.92 -7.66
C LYS A 15 -1.66 -3.22 -6.36
N ILE A 16 -2.92 -3.26 -5.95
CA ILE A 16 -3.33 -2.67 -4.68
C ILE A 16 -3.61 -3.77 -3.67
N ARG A 17 -3.18 -3.55 -2.45
CA ARG A 17 -3.35 -4.52 -1.38
C ARG A 17 -4.32 -3.97 -0.35
N MET A 18 -5.30 -4.77 0.04
CA MET A 18 -6.31 -4.31 0.98
C MET A 18 -6.00 -4.82 2.38
N LEU A 19 -6.92 -4.52 3.29
CA LEU A 19 -6.78 -4.76 4.72
C LEU A 19 -6.37 -6.20 5.01
N ASP A 20 -7.03 -7.15 4.35
CA ASP A 20 -6.80 -8.56 4.62
C ASP A 20 -5.49 -9.05 4.00
N GLY A 21 -4.70 -8.11 3.48
CA GLY A 21 -3.43 -8.45 2.90
C GLY A 21 -3.58 -9.04 1.51
N THR A 22 -4.74 -8.79 0.90
CA THR A 22 -5.03 -9.33 -0.41
C THR A 22 -4.73 -8.30 -1.49
N VAL A 23 -4.26 -8.78 -2.63
CA VAL A 23 -3.89 -7.89 -3.73
C VAL A 23 -4.91 -7.98 -4.86
N LYS A 24 -5.28 -6.83 -5.40
CA LYS A 24 -6.19 -6.79 -6.52
C LYS A 24 -5.56 -5.97 -7.64
N THR A 25 -5.74 -6.44 -8.87
CA THR A 25 -5.23 -5.75 -10.03
C THR A 25 -6.21 -4.67 -10.50
N ILE A 26 -5.90 -3.43 -10.20
CA ILE A 26 -6.77 -2.32 -10.57
C ILE A 26 -6.16 -1.52 -11.72
N MET A 27 -6.90 -1.41 -12.80
CA MET A 27 -6.47 -0.61 -13.94
C MET A 27 -6.59 0.87 -13.59
N VAL A 28 -5.52 1.62 -13.77
CA VAL A 28 -5.56 3.04 -13.48
C VAL A 28 -5.27 3.85 -14.74
N ASP A 29 -6.09 4.85 -14.97
CA ASP A 29 -5.86 5.80 -16.06
C ASP A 29 -5.17 7.03 -15.50
N ASP A 30 -5.03 7.01 -14.19
CA ASP A 30 -4.39 8.09 -13.45
C ASP A 30 -2.87 7.95 -13.50
N SER A 31 -2.18 9.00 -13.09
CA SER A 31 -0.73 9.02 -13.11
C SER A 31 -0.19 10.15 -12.23
N LYS A 32 -0.88 11.28 -12.26
CA LYS A 32 -0.43 12.48 -11.56
C LYS A 32 -1.02 12.55 -10.16
N THR A 33 -0.12 12.61 -9.17
CA THR A 33 -0.46 12.71 -7.74
C THR A 33 -1.30 11.54 -7.22
N VAL A 34 -0.91 11.03 -6.06
CA VAL A 34 -1.58 9.90 -5.44
C VAL A 34 -3.02 10.24 -5.05
N THR A 35 -3.27 11.50 -4.72
CA THR A 35 -4.60 11.94 -4.30
C THR A 35 -5.65 11.65 -5.37
N ASP A 36 -5.30 11.89 -6.64
CA ASP A 36 -6.23 11.69 -7.74
C ASP A 36 -6.38 10.22 -8.07
N MET A 37 -5.28 9.49 -8.00
CA MET A 37 -5.27 8.07 -8.37
C MET A 37 -6.00 7.22 -7.33
N LEU A 38 -5.69 7.46 -6.06
CA LEU A 38 -6.24 6.64 -5.00
C LEU A 38 -7.72 6.87 -4.80
N MET A 39 -8.20 8.08 -5.08
CA MET A 39 -9.63 8.35 -4.95
C MET A 39 -10.41 7.56 -6.00
N THR A 40 -9.75 7.29 -7.13
CA THR A 40 -10.32 6.42 -8.15
C THR A 40 -10.36 4.98 -7.63
N ILE A 41 -9.21 4.50 -7.19
CA ILE A 41 -9.06 3.14 -6.68
C ILE A 41 -10.04 2.85 -5.54
N CYS A 42 -10.15 3.78 -4.61
CA CYS A 42 -11.06 3.62 -3.49
C CYS A 42 -12.50 3.53 -3.99
N ALA A 43 -12.82 4.30 -5.02
CA ALA A 43 -14.15 4.25 -5.61
C ALA A 43 -14.38 2.93 -6.34
N ARG A 44 -13.30 2.33 -6.82
CA ARG A 44 -13.38 1.03 -7.48
C ARG A 44 -13.78 -0.04 -6.47
N ILE A 45 -13.24 0.06 -5.27
CA ILE A 45 -13.46 -0.94 -4.23
C ILE A 45 -14.60 -0.57 -3.29
N GLY A 46 -15.08 0.67 -3.39
CA GLY A 46 -16.21 1.09 -2.58
C GLY A 46 -15.79 1.62 -1.22
N ILE A 47 -14.69 2.35 -1.20
CA ILE A 47 -14.18 2.97 0.02
C ILE A 47 -14.08 4.47 -0.16
N THR A 48 -14.42 5.22 0.89
CA THR A 48 -14.31 6.66 0.88
C THR A 48 -14.03 7.18 2.28
N ASN A 49 -12.77 7.47 2.56
CA ASN A 49 -12.37 7.96 3.87
C ASN A 49 -11.01 8.65 3.79
N HIS A 50 -10.96 9.87 4.30
CA HIS A 50 -9.72 10.62 4.36
C HIS A 50 -9.44 11.04 5.80
N ASP A 51 -9.13 10.07 6.64
CA ASP A 51 -8.83 10.33 8.03
C ASP A 51 -8.07 9.16 8.64
N GLU A 52 -8.70 8.00 8.64
CA GLU A 52 -8.10 6.82 9.26
C GLU A 52 -7.33 6.01 8.23
N TYR A 53 -7.92 5.80 7.07
CA TYR A 53 -7.29 5.01 6.03
C TYR A 53 -6.09 5.73 5.43
N SER A 54 -4.92 5.15 5.63
CA SER A 54 -3.68 5.69 5.10
C SER A 54 -3.07 4.67 4.15
N LEU A 55 -2.10 5.09 3.35
CA LEU A 55 -1.52 4.20 2.35
C LEU A 55 -0.09 3.86 2.72
N VAL A 56 0.36 2.66 2.34
CA VAL A 56 1.77 2.34 2.44
C VAL A 56 2.23 1.78 1.10
N ARG A 57 3.51 1.90 0.82
CA ARG A 57 4.11 1.22 -0.31
C ARG A 57 4.60 -0.14 0.16
N GLU A 58 3.93 -1.19 -0.29
CA GLU A 58 4.30 -2.55 0.03
C GLU A 58 5.31 -3.06 -0.97
N LEU A 59 6.52 -3.31 -0.49
CA LEU A 59 7.59 -3.80 -1.35
C LEU A 59 7.36 -5.27 -1.66
N MET A 60 8.07 -5.79 -2.66
CA MET A 60 7.96 -7.18 -3.06
C MET A 60 8.68 -8.10 -2.06
N GLU A 61 8.27 -8.01 -0.81
CA GLU A 61 8.81 -8.85 0.25
C GLU A 61 7.68 -9.60 0.93
N GLU A 62 7.91 -10.87 1.24
CA GLU A 62 6.88 -11.71 1.84
C GLU A 62 7.14 -11.89 3.34
N LYS A 63 8.38 -11.64 3.75
CA LYS A 63 8.76 -11.87 5.13
C LYS A 63 8.60 -10.60 5.97
N LYS A 64 7.54 -10.57 6.75
CA LYS A 64 7.34 -9.52 7.75
C LYS A 64 7.47 -10.11 9.14
N ASP A 65 7.55 -9.26 10.14
CA ASP A 65 7.59 -9.70 11.52
C ASP A 65 6.55 -8.93 12.32
N GLU A 66 6.19 -9.46 13.47
CA GLU A 66 5.14 -8.85 14.28
C GLU A 66 5.65 -8.63 15.70
N GLY A 67 5.38 -7.45 16.24
CA GLY A 67 5.83 -7.10 17.57
C GLY A 67 6.19 -5.64 17.69
N THR A 68 7.25 -5.24 17.01
CA THR A 68 7.71 -3.87 17.04
C THR A 68 6.90 -3.01 16.07
N GLY A 69 6.04 -2.16 16.61
CA GLY A 69 5.21 -1.32 15.79
C GLY A 69 4.52 -0.25 16.60
N THR A 70 3.59 0.46 15.98
CA THR A 70 2.87 1.52 16.67
C THR A 70 1.36 1.24 16.64
N LEU A 71 0.91 0.46 17.61
CA LEU A 71 -0.51 0.24 17.81
C LEU A 71 -0.97 0.95 19.07
N ARG A 72 -1.79 1.97 18.89
CA ARG A 72 -2.16 2.85 19.99
C ARG A 72 -3.68 3.00 20.05
N LYS A 73 -4.19 3.37 21.21
CA LYS A 73 -5.64 3.54 21.40
C LYS A 73 -6.19 4.69 20.55
N ASP A 74 -5.31 5.61 20.19
CA ASP A 74 -5.70 6.78 19.40
C ASP A 74 -4.49 7.37 18.72
N LYS A 75 -4.73 8.33 17.84
CA LYS A 75 -3.65 9.01 17.14
C LYS A 75 -3.89 10.52 17.13
N THR A 76 -4.61 11.01 18.15
CA THR A 76 -4.99 12.42 18.18
C THR A 76 -3.78 13.32 18.25
N LEU A 77 -3.57 14.04 17.16
CA LEU A 77 -2.43 14.92 16.96
C LEU A 77 -2.46 15.44 15.53
N LEU A 78 -1.59 16.39 15.22
CA LEU A 78 -1.49 16.90 13.86
C LEU A 78 -0.53 16.04 13.06
N ARG A 79 0.75 16.13 13.42
CA ARG A 79 1.80 15.33 12.81
C ARG A 79 3.04 15.45 13.68
N ASP A 80 3.59 16.66 13.69
CA ASP A 80 4.63 17.05 14.65
C ASP A 80 5.82 16.11 14.65
N GLU A 81 6.61 16.18 13.59
CA GLU A 81 7.83 15.40 13.49
C GLU A 81 9.02 16.28 13.82
N LYS A 82 8.74 17.51 14.19
CA LYS A 82 9.78 18.47 14.54
C LYS A 82 10.49 18.01 15.81
N LYS A 83 11.83 18.10 15.78
CA LYS A 83 12.69 17.64 16.87
C LYS A 83 12.75 16.11 16.92
N MET A 84 13.96 15.59 17.01
CA MET A 84 14.16 14.16 17.09
C MET A 84 15.17 13.84 18.18
N GLU A 85 14.82 12.90 19.05
CA GLU A 85 15.68 12.55 20.18
C GLU A 85 16.89 11.75 19.69
N LYS A 86 16.74 11.10 18.55
CA LYS A 86 17.83 10.40 17.93
C LYS A 86 18.26 11.12 16.66
N LEU A 87 19.51 11.57 16.63
CA LEU A 87 20.05 12.30 15.48
C LEU A 87 20.33 11.35 14.33
N LYS A 88 19.31 11.11 13.51
CA LYS A 88 19.41 10.22 12.36
C LYS A 88 19.74 8.79 12.77
N GLN A 89 18.70 7.99 12.95
CA GLN A 89 18.87 6.58 13.28
C GLN A 89 18.02 5.74 12.34
N LYS A 90 16.74 6.10 12.24
CA LYS A 90 15.76 5.39 11.42
C LYS A 90 15.65 3.93 11.87
N LEU A 91 14.56 3.64 12.57
CA LEU A 91 14.38 2.36 13.25
C LEU A 91 14.16 1.21 12.27
N HIS A 92 14.00 1.55 10.98
CA HIS A 92 13.71 0.56 9.94
C HIS A 92 12.34 -0.07 10.18
N THR A 93 11.47 0.71 10.81
CA THR A 93 10.12 0.27 11.08
C THR A 93 9.15 1.14 10.28
N ASP A 94 8.09 0.52 9.78
CA ASP A 94 7.14 1.20 8.88
C ASP A 94 7.87 1.61 7.61
N ASP A 95 8.96 0.93 7.35
CA ASP A 95 9.79 1.20 6.17
C ASP A 95 9.46 0.25 5.03
N GLU A 96 9.14 -1.00 5.38
CA GLU A 96 8.76 -1.98 4.37
C GLU A 96 7.32 -1.75 3.95
N LEU A 97 6.55 -1.18 4.87
CA LEU A 97 5.26 -0.63 4.54
C LEU A 97 5.37 0.88 4.58
N ASN A 98 5.88 1.45 3.50
CA ASN A 98 6.20 2.87 3.46
C ASN A 98 4.93 3.71 3.46
N TRP A 99 4.49 4.12 4.64
CA TRP A 99 3.30 4.95 4.79
C TRP A 99 3.47 6.25 4.03
N LEU A 100 2.48 6.58 3.21
CA LEU A 100 2.50 7.83 2.47
C LEU A 100 1.14 8.52 2.50
N ASP A 101 1.12 9.76 2.04
CA ASP A 101 -0.07 10.58 2.00
C ASP A 101 -0.40 10.94 0.55
N HIS A 102 -1.64 11.36 0.32
CA HIS A 102 -2.11 11.65 -1.03
C HIS A 102 -1.49 12.91 -1.63
N GLY A 103 -0.83 13.70 -0.80
CA GLY A 103 -0.38 15.01 -1.23
C GLY A 103 1.00 14.95 -1.81
N ARG A 104 1.20 13.99 -2.69
CA ARG A 104 2.51 13.69 -3.22
C ARG A 104 2.37 12.71 -4.38
N THR A 105 3.37 12.65 -5.25
CA THR A 105 3.29 11.85 -6.45
C THR A 105 4.01 10.51 -6.30
N LEU A 106 3.80 9.62 -7.27
CA LEU A 106 4.39 8.29 -7.25
C LEU A 106 5.91 8.35 -7.36
N ARG A 107 6.40 9.29 -8.17
CA ARG A 107 7.82 9.45 -8.40
C ARG A 107 8.53 9.86 -7.11
N GLU A 108 7.90 10.73 -6.33
CA GLU A 108 8.51 11.24 -5.11
C GLU A 108 8.53 10.18 -4.02
N GLN A 109 7.55 9.29 -4.07
CA GLN A 109 7.41 8.30 -3.03
C GLN A 109 8.22 7.04 -3.36
N GLY A 110 8.79 7.01 -4.56
CA GLY A 110 9.63 5.90 -4.97
C GLY A 110 8.84 4.65 -5.31
N VAL A 111 7.55 4.81 -5.60
CA VAL A 111 6.70 3.69 -5.93
C VAL A 111 6.65 3.47 -7.44
N GLU A 112 6.73 4.58 -8.16
CA GLU A 112 6.69 4.58 -9.62
C GLU A 112 5.36 4.06 -10.16
N GLU A 113 5.14 2.76 -10.01
CA GLU A 113 3.95 2.09 -10.50
C GLU A 113 4.02 0.60 -10.17
N HIS A 114 5.23 0.07 -10.13
CA HIS A 114 5.45 -1.37 -9.97
C HIS A 114 5.24 -1.85 -8.54
N GLU A 115 5.25 -0.93 -7.58
CA GLU A 115 5.10 -1.30 -6.18
C GLU A 115 3.65 -1.63 -5.85
N THR A 116 3.44 -2.22 -4.69
CA THR A 116 2.10 -2.60 -4.27
C THR A 116 1.53 -1.52 -3.34
N LEU A 117 0.39 -0.96 -3.74
CA LEU A 117 -0.24 0.10 -2.96
C LEU A 117 -1.14 -0.50 -1.89
N LEU A 118 -0.74 -0.37 -0.64
CA LEU A 118 -1.48 -0.94 0.47
C LEU A 118 -2.40 0.11 1.08
N LEU A 119 -3.67 -0.26 1.25
CA LEU A 119 -4.60 0.59 1.95
C LEU A 119 -4.93 -0.01 3.30
N ARG A 120 -4.69 0.76 4.36
CA ARG A 120 -4.94 0.28 5.70
C ARG A 120 -5.24 1.44 6.63
N ARG A 121 -6.14 1.24 7.57
CA ARG A 121 -6.40 2.25 8.59
C ARG A 121 -5.20 2.33 9.50
N LYS A 122 -4.79 3.56 9.78
CA LYS A 122 -3.56 3.80 10.53
C LYS A 122 -3.62 3.15 11.90
N PHE A 123 -4.65 3.48 12.66
CA PHE A 123 -4.83 2.90 13.98
C PHE A 123 -6.19 2.22 14.10
N PHE A 124 -6.16 0.92 14.35
CA PHE A 124 -7.37 0.17 14.63
C PHE A 124 -7.61 0.15 16.14
N TYR A 125 -8.66 0.82 16.58
CA TYR A 125 -8.89 1.03 18.00
C TYR A 125 -9.48 -0.21 18.66
N SER A 126 -10.12 -1.05 17.85
CA SER A 126 -10.77 -2.27 18.33
C SER A 126 -11.99 -1.92 19.18
N ASP A 127 -12.64 -0.81 18.83
CA ASP A 127 -13.86 -0.32 19.49
C ASP A 127 -13.58 0.26 20.87
N GLN A 128 -13.02 -0.56 21.76
CA GLN A 128 -12.77 -0.13 23.13
C GLN A 128 -11.52 0.72 23.21
N SER A 1 -19.84 11.53 -23.59
CA SER A 1 -21.23 11.63 -24.08
C SER A 1 -21.68 10.30 -24.67
N SER A 2 -22.81 10.31 -25.39
CA SER A 2 -23.38 9.11 -25.98
C SER A 2 -22.35 8.33 -26.80
N GLY A 3 -21.77 8.99 -27.79
CA GLY A 3 -20.71 8.39 -28.57
C GLY A 3 -19.36 8.60 -27.93
N LEU A 4 -19.09 7.86 -26.86
CA LEU A 4 -17.86 8.01 -26.12
C LEU A 4 -16.76 7.15 -26.74
N VAL A 5 -15.74 7.82 -27.26
CA VAL A 5 -14.59 7.15 -27.82
C VAL A 5 -13.35 7.53 -27.02
N PRO A 6 -12.57 6.53 -26.55
CA PRO A 6 -11.34 6.78 -25.78
C PRO A 6 -10.39 7.74 -26.50
N ARG A 7 -10.38 8.98 -26.04
CA ARG A 7 -9.59 10.02 -26.66
C ARG A 7 -8.11 9.80 -26.40
N GLY A 8 -7.74 9.78 -25.14
CA GLY A 8 -6.34 9.57 -24.77
C GLY A 8 -6.22 9.01 -23.37
N SER A 9 -6.75 7.81 -23.16
CA SER A 9 -6.77 7.21 -21.85
C SER A 9 -5.55 6.30 -21.66
N HIS A 10 -5.03 6.29 -20.46
CA HIS A 10 -3.84 5.52 -20.13
C HIS A 10 -4.22 4.37 -19.21
N MET A 11 -3.61 3.22 -19.39
CA MET A 11 -3.89 2.07 -18.56
C MET A 11 -2.62 1.45 -18.01
N ARG A 12 -2.41 1.60 -16.71
CA ARG A 12 -1.31 0.94 -16.04
C ARG A 12 -1.87 0.01 -14.96
N PRO A 13 -1.42 -1.26 -14.94
CA PRO A 13 -1.85 -2.21 -13.93
C PRO A 13 -1.14 -2.00 -12.59
N LEU A 14 -1.90 -1.66 -11.57
CA LEU A 14 -1.34 -1.44 -10.24
C LEU A 14 -1.91 -2.46 -9.27
N LYS A 15 -1.04 -3.07 -8.47
CA LYS A 15 -1.47 -4.06 -7.50
C LYS A 15 -1.74 -3.40 -6.16
N ILE A 16 -3.00 -3.27 -5.81
CA ILE A 16 -3.37 -2.68 -4.55
C ILE A 16 -3.73 -3.76 -3.54
N ARG A 17 -3.32 -3.56 -2.30
CA ARG A 17 -3.59 -4.52 -1.26
C ARG A 17 -4.44 -3.85 -0.18
N MET A 18 -5.69 -4.27 -0.07
CA MET A 18 -6.64 -3.60 0.81
C MET A 18 -6.51 -4.08 2.24
N LEU A 19 -7.47 -3.65 3.06
CA LEU A 19 -7.44 -3.80 4.51
C LEU A 19 -7.27 -5.25 4.93
N ASP A 20 -7.97 -6.15 4.25
CA ASP A 20 -7.93 -7.57 4.59
C ASP A 20 -6.65 -8.22 4.07
N GLY A 21 -5.75 -7.40 3.55
CA GLY A 21 -4.49 -7.90 3.04
C GLY A 21 -4.64 -8.52 1.67
N THR A 22 -5.76 -8.23 1.02
CA THR A 22 -6.06 -8.83 -0.28
C THR A 22 -5.53 -7.95 -1.41
N VAL A 23 -4.92 -8.58 -2.41
CA VAL A 23 -4.36 -7.86 -3.53
C VAL A 23 -5.30 -7.90 -4.72
N LYS A 24 -5.41 -6.79 -5.42
CA LYS A 24 -6.23 -6.71 -6.62
C LYS A 24 -5.54 -5.87 -7.67
N THR A 25 -5.56 -6.34 -8.90
CA THR A 25 -5.03 -5.59 -10.01
C THR A 25 -6.08 -4.60 -10.52
N ILE A 26 -5.80 -3.33 -10.34
CA ILE A 26 -6.70 -2.29 -10.81
C ILE A 26 -5.99 -1.42 -11.84
N MET A 27 -6.71 -1.05 -12.89
CA MET A 27 -6.16 -0.21 -13.93
C MET A 27 -6.09 1.22 -13.44
N VAL A 28 -4.96 1.85 -13.66
CA VAL A 28 -4.81 3.24 -13.32
C VAL A 28 -4.49 4.04 -14.56
N ASP A 29 -5.08 5.21 -14.65
CA ASP A 29 -4.88 6.07 -15.81
C ASP A 29 -3.93 7.18 -15.47
N ASP A 30 -4.07 7.64 -14.25
CA ASP A 30 -3.38 8.83 -13.77
C ASP A 30 -1.90 8.58 -13.51
N SER A 31 -1.17 9.68 -13.39
CA SER A 31 0.24 9.66 -13.01
C SER A 31 0.51 10.78 -12.02
N LYS A 32 -0.57 11.44 -11.59
CA LYS A 32 -0.46 12.65 -10.78
C LYS A 32 -0.65 12.36 -9.29
N THR A 33 -1.25 13.32 -8.59
CA THR A 33 -1.45 13.24 -7.16
C THR A 33 -2.14 11.96 -6.71
N VAL A 34 -1.69 11.43 -5.58
CA VAL A 34 -2.17 10.16 -5.05
C VAL A 34 -3.65 10.25 -4.65
N THR A 35 -4.07 11.41 -4.17
CA THR A 35 -5.44 11.60 -3.68
C THR A 35 -6.49 11.15 -4.71
N ASP A 36 -6.47 11.75 -5.89
CA ASP A 36 -7.49 11.51 -6.90
C ASP A 36 -7.30 10.14 -7.54
N MET A 37 -6.05 9.73 -7.69
CA MET A 37 -5.74 8.42 -8.25
C MET A 37 -6.29 7.31 -7.34
N LEU A 38 -5.91 7.35 -6.08
CA LEU A 38 -6.24 6.30 -5.15
C LEU A 38 -7.71 6.33 -4.74
N MET A 39 -8.32 7.52 -4.67
CA MET A 39 -9.73 7.61 -4.34
C MET A 39 -10.55 6.91 -5.42
N THR A 40 -10.05 6.97 -6.65
CA THR A 40 -10.68 6.27 -7.76
C THR A 40 -10.49 4.77 -7.61
N ILE A 41 -9.25 4.35 -7.36
CA ILE A 41 -8.92 2.95 -7.14
C ILE A 41 -9.77 2.35 -6.01
N CYS A 42 -9.84 3.04 -4.89
CA CYS A 42 -10.62 2.56 -3.76
C CYS A 42 -12.11 2.53 -4.10
N ALA A 43 -12.54 3.47 -4.92
CA ALA A 43 -13.93 3.53 -5.36
C ALA A 43 -14.24 2.39 -6.33
N ARG A 44 -13.22 1.90 -7.03
CA ARG A 44 -13.38 0.82 -7.99
C ARG A 44 -13.96 -0.43 -7.33
N ILE A 45 -13.55 -0.68 -6.08
CA ILE A 45 -14.09 -1.82 -5.35
C ILE A 45 -15.20 -1.37 -4.40
N GLY A 46 -15.09 -0.14 -3.89
CA GLY A 46 -16.13 0.39 -3.02
C GLY A 46 -15.65 0.59 -1.59
N ILE A 47 -14.71 1.49 -1.40
CA ILE A 47 -14.23 1.84 -0.06
C ILE A 47 -15.03 3.02 0.49
N THR A 48 -15.47 2.91 1.74
CA THR A 48 -16.22 3.98 2.36
C THR A 48 -15.32 5.17 2.67
N ASN A 49 -14.17 4.88 3.28
CA ASN A 49 -13.10 5.86 3.49
C ASN A 49 -13.49 6.90 4.55
N HIS A 50 -12.95 6.73 5.74
CA HIS A 50 -13.16 7.67 6.83
C HIS A 50 -12.11 8.79 6.77
N ASP A 51 -11.51 8.93 5.57
CA ASP A 51 -10.44 9.90 5.25
C ASP A 51 -9.19 9.77 6.14
N GLU A 52 -9.32 9.08 7.27
CA GLU A 52 -8.18 8.69 8.09
C GLU A 52 -7.51 7.46 7.49
N TYR A 53 -7.92 7.12 6.28
CA TYR A 53 -7.33 5.99 5.58
C TYR A 53 -6.00 6.39 4.98
N SER A 54 -4.95 5.86 5.53
CA SER A 54 -3.60 6.18 5.08
C SER A 54 -3.15 5.10 4.11
N LEU A 55 -2.10 5.38 3.37
CA LEU A 55 -1.61 4.45 2.39
C LEU A 55 -0.18 4.08 2.69
N VAL A 56 0.24 2.93 2.24
CA VAL A 56 1.61 2.52 2.38
C VAL A 56 2.09 1.86 1.09
N ARG A 57 3.35 2.09 0.77
CA ARG A 57 3.99 1.38 -0.30
C ARG A 57 4.59 0.10 0.24
N GLU A 58 4.03 -1.03 -0.13
CA GLU A 58 4.57 -2.32 0.29
C GLU A 58 5.69 -2.69 -0.67
N LEU A 59 6.92 -2.46 -0.23
CA LEU A 59 8.07 -2.53 -1.11
C LEU A 59 8.96 -3.71 -0.78
N MET A 60 9.88 -3.98 -1.69
CA MET A 60 10.95 -4.93 -1.44
C MET A 60 12.28 -4.17 -1.53
N GLU A 61 12.34 -3.08 -0.76
CA GLU A 61 13.49 -2.16 -0.70
C GLU A 61 13.57 -1.27 -1.94
N GLU A 62 12.95 -0.10 -1.83
CA GLU A 62 13.04 0.94 -2.86
C GLU A 62 13.76 2.16 -2.30
N LYS A 63 13.60 3.29 -2.96
CA LYS A 63 14.15 4.54 -2.48
C LYS A 63 13.34 5.04 -1.28
N LYS A 64 13.78 4.66 -0.09
CA LYS A 64 13.13 5.07 1.14
C LYS A 64 13.96 6.13 1.83
N ASP A 65 15.15 6.35 1.30
CA ASP A 65 16.14 7.19 1.95
C ASP A 65 15.93 8.66 1.65
N GLU A 66 15.88 9.45 2.72
CA GLU A 66 15.83 10.89 2.62
C GLU A 66 16.71 11.48 3.72
N GLY A 67 17.47 12.51 3.38
CA GLY A 67 18.41 13.10 4.32
C GLY A 67 17.76 13.52 5.62
N THR A 68 18.46 13.31 6.72
CA THR A 68 17.94 13.65 8.03
C THR A 68 17.84 15.16 8.22
N GLY A 69 16.67 15.72 7.94
CA GLY A 69 16.43 17.12 8.21
C GLY A 69 15.91 17.28 9.62
N THR A 70 15.03 16.37 9.99
CA THR A 70 14.56 16.24 11.35
C THR A 70 14.83 14.82 11.81
N LEU A 71 15.29 14.66 13.05
CA LEU A 71 15.64 13.34 13.57
C LEU A 71 14.48 12.37 13.45
N ARG A 72 14.62 11.42 12.52
CA ARG A 72 13.62 10.39 12.30
C ARG A 72 13.66 9.45 13.48
N LYS A 73 14.71 8.64 13.50
CA LYS A 73 15.04 7.78 14.63
C LYS A 73 16.55 7.76 14.75
N ASP A 74 17.07 7.76 15.98
CA ASP A 74 18.51 7.77 16.18
C ASP A 74 19.11 6.43 15.76
N LYS A 75 18.44 5.34 16.15
CA LYS A 75 18.86 3.98 15.83
C LYS A 75 20.33 3.74 16.18
N THR A 76 20.56 3.30 17.40
CA THR A 76 21.91 3.00 17.87
C THR A 76 22.61 2.04 16.91
N LEU A 77 21.94 0.94 16.60
CA LEU A 77 22.45 0.01 15.63
C LEU A 77 21.77 0.24 14.29
N LEU A 78 22.55 0.17 13.23
CA LEU A 78 22.04 0.32 11.89
C LEU A 78 21.73 -1.05 11.30
N ARG A 79 20.46 -1.30 11.04
CA ARG A 79 20.02 -2.58 10.51
C ARG A 79 20.30 -2.68 9.03
N ASP A 80 21.44 -3.25 8.69
CA ASP A 80 21.75 -3.59 7.31
C ASP A 80 21.01 -4.87 6.96
N GLU A 81 21.08 -5.82 7.87
CA GLU A 81 20.28 -7.03 7.76
C GLU A 81 18.90 -6.74 8.33
N LYS A 82 17.86 -7.05 7.58
CA LYS A 82 16.52 -6.65 7.95
C LYS A 82 15.99 -7.51 9.10
N LYS A 83 16.13 -6.99 10.32
CA LYS A 83 15.69 -7.67 11.54
C LYS A 83 16.39 -9.02 11.67
N MET A 84 15.87 -9.86 12.55
CA MET A 84 16.33 -11.24 12.66
C MET A 84 15.31 -12.18 12.06
N GLU A 85 14.05 -11.80 12.20
CA GLU A 85 12.94 -12.60 11.72
C GLU A 85 12.55 -12.23 10.29
N LYS A 86 13.07 -11.09 9.82
CA LYS A 86 12.74 -10.57 8.49
C LYS A 86 11.23 -10.35 8.37
N LEU A 87 10.73 -10.38 7.15
CA LEU A 87 9.30 -10.26 6.91
C LEU A 87 8.75 -11.61 6.44
N LYS A 88 8.11 -12.33 7.35
CA LYS A 88 7.57 -13.65 7.05
C LYS A 88 6.14 -13.79 7.57
N GLN A 89 5.93 -13.42 8.83
CA GLN A 89 4.62 -13.54 9.43
C GLN A 89 4.21 -12.25 10.13
N LYS A 90 4.92 -11.17 9.82
CA LYS A 90 4.67 -9.89 10.47
C LYS A 90 3.68 -9.07 9.67
N LEU A 91 2.51 -8.83 10.25
CA LEU A 91 1.50 -8.00 9.62
C LEU A 91 1.71 -6.55 10.03
N HIS A 92 2.46 -6.37 11.12
CA HIS A 92 2.82 -5.03 11.58
C HIS A 92 3.79 -4.40 10.59
N THR A 93 4.73 -5.22 10.11
CA THR A 93 5.74 -4.82 9.14
C THR A 93 6.61 -3.67 9.67
N ASP A 94 6.12 -2.43 9.50
CA ASP A 94 6.84 -1.23 9.98
C ASP A 94 8.27 -1.17 9.44
N ASP A 95 8.44 -1.63 8.21
CA ASP A 95 9.74 -1.60 7.56
C ASP A 95 9.55 -1.54 6.06
N GLU A 96 9.08 -2.65 5.48
CA GLU A 96 8.70 -2.70 4.07
C GLU A 96 7.41 -1.91 3.87
N LEU A 97 6.86 -1.45 4.98
CA LEU A 97 5.62 -0.69 5.00
C LEU A 97 5.94 0.81 4.89
N ASN A 98 6.09 1.30 3.67
CA ASN A 98 6.45 2.69 3.46
C ASN A 98 5.21 3.58 3.45
N TRP A 99 4.84 4.07 4.63
CA TRP A 99 3.63 4.87 4.79
C TRP A 99 3.72 6.19 4.01
N LEU A 100 2.60 6.57 3.41
CA LEU A 100 2.48 7.87 2.78
C LEU A 100 1.01 8.27 2.66
N ASP A 101 0.72 9.52 2.98
CA ASP A 101 -0.62 10.04 2.86
C ASP A 101 -0.73 10.83 1.57
N HIS A 102 -1.90 11.40 1.30
CA HIS A 102 -2.06 12.17 0.07
C HIS A 102 -1.37 13.52 0.18
N GLY A 103 -0.09 13.51 -0.09
CA GLY A 103 0.71 14.71 -0.12
C GLY A 103 1.99 14.45 -0.86
N ARG A 104 1.88 13.62 -1.88
CA ARG A 104 3.04 13.13 -2.62
C ARG A 104 2.58 12.56 -3.95
N THR A 105 3.43 12.59 -4.95
CA THR A 105 3.11 11.98 -6.23
C THR A 105 3.91 10.70 -6.44
N LEU A 106 3.67 10.01 -7.54
CA LEU A 106 4.34 8.75 -7.81
C LEU A 106 5.78 8.99 -8.20
N ARG A 107 6.01 10.00 -9.03
CA ARG A 107 7.36 10.34 -9.49
C ARG A 107 8.22 10.82 -8.32
N GLU A 108 7.60 11.53 -7.39
CA GLU A 108 8.30 12.00 -6.19
C GLU A 108 8.82 10.84 -5.36
N GLN A 109 8.10 9.75 -5.39
CA GLN A 109 8.47 8.59 -4.60
C GLN A 109 9.35 7.64 -5.40
N GLY A 110 9.27 7.75 -6.72
CA GLY A 110 10.05 6.88 -7.58
C GLY A 110 9.58 5.44 -7.52
N VAL A 111 8.29 5.26 -7.30
CA VAL A 111 7.70 3.94 -7.17
C VAL A 111 7.06 3.50 -8.48
N GLU A 112 7.20 2.22 -8.81
CA GLU A 112 6.62 1.67 -10.02
C GLU A 112 5.22 1.12 -9.79
N GLU A 113 4.48 0.99 -10.87
CA GLU A 113 3.11 0.52 -10.84
C GLU A 113 3.03 -0.97 -10.51
N HIS A 114 4.15 -1.66 -10.61
CA HIS A 114 4.17 -3.10 -10.32
C HIS A 114 4.42 -3.35 -8.83
N GLU A 115 4.67 -2.28 -8.09
CA GLU A 115 4.83 -2.38 -6.64
C GLU A 115 3.46 -2.42 -5.98
N THR A 116 3.39 -2.93 -4.77
CA THR A 116 2.10 -3.14 -4.12
C THR A 116 1.71 -1.94 -3.26
N LEU A 117 0.56 -1.36 -3.54
CA LEU A 117 0.05 -0.25 -2.76
C LEU A 117 -0.85 -0.80 -1.65
N LEU A 118 -0.37 -0.70 -0.43
CA LEU A 118 -1.07 -1.24 0.74
C LEU A 118 -1.99 -0.19 1.31
N LEU A 119 -3.25 -0.54 1.53
CA LEU A 119 -4.17 0.36 2.18
C LEU A 119 -4.37 -0.07 3.62
N ARG A 120 -4.04 0.82 4.54
CA ARG A 120 -4.27 0.57 5.94
C ARG A 120 -4.60 1.87 6.65
N ARG A 121 -5.77 1.93 7.27
CA ARG A 121 -6.19 3.12 8.00
C ARG A 121 -5.14 3.51 9.03
N LYS A 122 -4.93 4.81 9.20
CA LYS A 122 -3.92 5.30 10.11
C LYS A 122 -4.36 5.01 11.53
N PHE A 123 -3.83 3.92 12.04
CA PHE A 123 -4.19 3.33 13.33
C PHE A 123 -4.64 4.35 14.38
N PHE A 124 -5.95 4.49 14.52
CA PHE A 124 -6.54 5.19 15.63
C PHE A 124 -6.66 4.21 16.80
N TYR A 125 -6.69 2.94 16.42
CA TYR A 125 -6.67 1.85 17.39
C TYR A 125 -5.24 1.60 17.84
N SER A 126 -5.09 0.95 18.99
CA SER A 126 -3.77 0.73 19.59
C SER A 126 -3.14 2.08 19.91
N ASP A 127 -3.99 3.06 20.21
CA ASP A 127 -3.57 4.43 20.48
C ASP A 127 -2.73 4.49 21.74
N GLN A 128 -1.45 4.71 21.53
CA GLN A 128 -0.50 4.84 22.62
C GLN A 128 -0.29 6.32 22.95
N SER A 1 -3.45 1.34 -29.62
CA SER A 1 -3.91 1.77 -30.95
C SER A 1 -4.98 0.82 -31.48
N SER A 2 -5.98 1.40 -32.17
CA SER A 2 -7.07 0.64 -32.75
C SER A 2 -7.76 -0.24 -31.71
N GLY A 3 -8.13 0.36 -30.59
CA GLY A 3 -8.80 -0.37 -29.54
C GLY A 3 -10.23 0.08 -29.34
N LEU A 4 -10.67 1.00 -30.21
CA LEU A 4 -12.02 1.59 -30.13
C LEU A 4 -12.27 2.21 -28.76
N VAL A 5 -11.64 3.34 -28.51
CA VAL A 5 -11.80 4.05 -27.25
C VAL A 5 -12.35 5.45 -27.51
N PRO A 6 -13.65 5.67 -27.26
CA PRO A 6 -14.33 6.93 -27.57
C PRO A 6 -14.12 8.00 -26.51
N ARG A 7 -12.94 8.00 -25.90
CA ARG A 7 -12.61 8.93 -24.84
C ARG A 7 -11.15 8.78 -24.43
N GLY A 8 -10.67 9.66 -23.58
CA GLY A 8 -9.30 9.57 -23.10
C GLY A 8 -9.18 8.61 -21.93
N SER A 9 -9.31 7.32 -22.21
CA SER A 9 -9.18 6.30 -21.19
C SER A 9 -7.75 5.80 -21.07
N HIS A 10 -7.04 6.33 -20.10
CA HIS A 10 -5.72 5.84 -19.76
C HIS A 10 -5.84 4.77 -18.69
N MET A 11 -5.36 3.57 -18.97
CA MET A 11 -5.50 2.47 -18.05
C MET A 11 -4.14 2.07 -17.48
N ARG A 12 -3.89 2.54 -16.27
CA ARG A 12 -2.68 2.22 -15.54
C ARG A 12 -2.92 1.02 -14.63
N PRO A 13 -2.22 -0.09 -14.90
CA PRO A 13 -2.33 -1.29 -14.08
C PRO A 13 -1.53 -1.16 -12.80
N LEU A 14 -2.20 -1.23 -11.66
CA LEU A 14 -1.54 -1.07 -10.38
C LEU A 14 -1.96 -2.20 -9.44
N LYS A 15 -0.97 -2.86 -8.84
CA LYS A 15 -1.26 -3.93 -7.90
C LYS A 15 -1.41 -3.35 -6.50
N ILE A 16 -2.64 -3.35 -6.00
CA ILE A 16 -2.94 -2.81 -4.69
C ILE A 16 -3.40 -3.91 -3.75
N ARG A 17 -3.16 -3.73 -2.47
CA ARG A 17 -3.65 -4.68 -1.48
C ARG A 17 -4.76 -4.04 -0.67
N MET A 18 -5.96 -4.57 -0.82
CA MET A 18 -7.17 -4.00 -0.22
C MET A 18 -7.27 -4.34 1.24
N LEU A 19 -7.09 -3.34 2.10
CA LEU A 19 -7.20 -3.51 3.56
C LEU A 19 -6.22 -4.54 4.06
N ASP A 20 -5.33 -4.95 3.16
CA ASP A 20 -4.21 -5.86 3.46
C ASP A 20 -4.72 -7.30 3.46
N GLY A 21 -5.88 -7.49 2.84
CA GLY A 21 -6.42 -8.82 2.69
C GLY A 21 -6.17 -9.36 1.29
N THR A 22 -6.88 -8.82 0.31
CA THR A 22 -6.77 -9.28 -1.05
C THR A 22 -5.96 -8.31 -1.91
N VAL A 23 -5.01 -8.84 -2.67
CA VAL A 23 -4.29 -8.04 -3.66
C VAL A 23 -5.03 -8.06 -4.98
N LYS A 24 -5.17 -6.90 -5.60
CA LYS A 24 -5.89 -6.78 -6.85
C LYS A 24 -5.15 -5.85 -7.79
N THR A 25 -5.04 -6.26 -9.04
CA THR A 25 -4.53 -5.38 -10.07
C THR A 25 -5.69 -4.62 -10.71
N ILE A 26 -5.84 -3.35 -10.34
CA ILE A 26 -6.93 -2.53 -10.81
C ILE A 26 -6.43 -1.51 -11.83
N MET A 27 -7.25 -1.18 -12.82
CA MET A 27 -6.90 -0.15 -13.77
C MET A 27 -7.13 1.22 -13.15
N VAL A 28 -6.11 2.04 -13.20
CA VAL A 28 -6.17 3.38 -12.68
C VAL A 28 -6.12 4.36 -13.84
N ASP A 29 -6.85 5.45 -13.76
CA ASP A 29 -6.81 6.46 -14.83
C ASP A 29 -5.47 7.16 -14.82
N ASP A 30 -4.82 7.07 -13.67
CA ASP A 30 -3.58 7.80 -13.40
C ASP A 30 -3.79 9.28 -13.69
N SER A 31 -4.73 9.87 -12.96
CA SER A 31 -5.12 11.25 -13.20
C SER A 31 -4.06 12.21 -12.65
N LYS A 32 -4.09 12.45 -11.34
CA LYS A 32 -3.22 13.44 -10.72
C LYS A 32 -3.00 13.08 -9.26
N THR A 33 -1.74 13.05 -8.84
CA THR A 33 -1.34 12.77 -7.44
C THR A 33 -1.85 11.41 -6.94
N VAL A 34 -1.31 10.98 -5.82
CA VAL A 34 -1.76 9.77 -5.14
C VAL A 34 -3.22 9.93 -4.73
N THR A 35 -3.58 11.16 -4.40
CA THR A 35 -4.92 11.51 -4.00
C THR A 35 -6.00 11.05 -4.99
N ASP A 36 -5.94 11.57 -6.21
CA ASP A 36 -6.92 11.24 -7.24
C ASP A 36 -6.68 9.84 -7.80
N MET A 37 -5.44 9.40 -7.76
CA MET A 37 -5.10 8.07 -8.23
C MET A 37 -5.73 7.00 -7.36
N LEU A 38 -5.59 7.17 -6.06
CA LEU A 38 -6.07 6.20 -5.09
C LEU A 38 -7.57 6.31 -4.86
N MET A 39 -8.13 7.50 -5.03
CA MET A 39 -9.56 7.68 -4.84
C MET A 39 -10.34 6.84 -5.85
N THR A 40 -9.74 6.65 -7.03
CA THR A 40 -10.31 5.75 -8.03
C THR A 40 -10.42 4.35 -7.46
N ILE A 41 -9.29 3.81 -7.01
CA ILE A 41 -9.22 2.45 -6.47
C ILE A 41 -10.15 2.26 -5.29
N CYS A 42 -10.14 3.20 -4.36
CA CYS A 42 -11.00 3.12 -3.18
C CYS A 42 -12.47 3.20 -3.58
N ALA A 43 -12.77 3.93 -4.66
CA ALA A 43 -14.13 4.04 -5.15
C ALA A 43 -14.56 2.74 -5.84
N ARG A 44 -13.59 2.04 -6.41
CA ARG A 44 -13.85 0.77 -7.08
C ARG A 44 -14.47 -0.25 -6.14
N ILE A 45 -14.18 -0.13 -4.85
CA ILE A 45 -14.71 -1.05 -3.85
C ILE A 45 -15.80 -0.38 -3.01
N GLY A 46 -16.14 0.86 -3.35
CA GLY A 46 -17.22 1.55 -2.68
C GLY A 46 -16.80 2.23 -1.38
N ILE A 47 -15.54 2.63 -1.29
CA ILE A 47 -15.06 3.34 -0.12
C ILE A 47 -14.94 4.84 -0.41
N THR A 48 -14.15 5.18 -1.42
CA THR A 48 -13.77 6.55 -1.67
C THR A 48 -13.05 7.13 -0.45
N ASN A 49 -11.74 6.99 -0.43
CA ASN A 49 -10.94 7.21 0.77
C ASN A 49 -11.07 8.64 1.30
N HIS A 50 -11.74 8.76 2.43
CA HIS A 50 -11.85 10.03 3.15
C HIS A 50 -11.91 9.77 4.65
N ASP A 51 -11.48 8.59 5.08
CA ASP A 51 -11.69 8.17 6.45
C ASP A 51 -10.38 8.08 7.22
N GLU A 52 -9.97 6.85 7.54
CA GLU A 52 -8.83 6.62 8.43
C GLU A 52 -7.78 5.75 7.73
N TYR A 53 -7.82 5.73 6.42
CA TYR A 53 -6.90 4.89 5.66
C TYR A 53 -5.77 5.73 5.10
N SER A 54 -4.59 5.16 5.09
CA SER A 54 -3.44 5.80 4.48
C SER A 54 -2.81 4.82 3.51
N LEU A 55 -2.00 5.32 2.60
CA LEU A 55 -1.35 4.46 1.64
C LEU A 55 0.06 4.18 2.08
N VAL A 56 0.58 3.03 1.71
CA VAL A 56 1.95 2.69 2.02
C VAL A 56 2.57 1.88 0.89
N ARG A 57 3.78 2.25 0.52
CA ARG A 57 4.53 1.46 -0.44
C ARG A 57 5.08 0.24 0.27
N GLU A 58 4.57 -0.92 -0.09
CA GLU A 58 4.96 -2.15 0.56
C GLU A 58 6.23 -2.69 -0.07
N LEU A 59 7.33 -2.62 0.67
CA LEU A 59 8.60 -3.14 0.23
C LEU A 59 8.69 -4.63 0.49
N MET A 60 9.87 -5.19 0.29
CA MET A 60 10.15 -6.58 0.63
C MET A 60 9.86 -6.82 2.10
N GLU A 61 8.71 -7.43 2.37
CA GLU A 61 8.27 -7.67 3.74
C GLU A 61 8.70 -9.04 4.23
N GLU A 62 9.51 -9.72 3.43
CA GLU A 62 10.00 -11.04 3.80
C GLU A 62 11.35 -10.92 4.50
N LYS A 63 11.72 -11.97 5.20
CA LYS A 63 12.95 -11.98 6.01
C LYS A 63 12.87 -10.93 7.11
N LYS A 64 12.16 -11.27 8.17
CA LYS A 64 11.98 -10.36 9.29
C LYS A 64 12.06 -11.12 10.60
N ASP A 65 11.40 -12.27 10.64
CA ASP A 65 11.45 -13.15 11.80
C ASP A 65 11.18 -14.58 11.39
N GLU A 66 12.11 -15.46 11.72
CA GLU A 66 11.99 -16.86 11.35
C GLU A 66 12.05 -17.73 12.60
N GLY A 67 11.36 -18.86 12.55
CA GLY A 67 11.37 -19.78 13.67
C GLY A 67 12.57 -20.67 13.65
N THR A 68 13.72 -20.10 14.00
CA THR A 68 14.98 -20.81 14.02
C THR A 68 14.98 -21.93 15.06
N GLY A 69 15.66 -23.02 14.76
CA GLY A 69 15.75 -24.12 15.68
C GLY A 69 15.43 -25.45 15.03
N THR A 70 15.94 -26.53 15.60
CA THR A 70 15.68 -27.86 15.09
C THR A 70 14.59 -28.55 15.89
N LEU A 71 13.94 -27.79 16.77
CA LEU A 71 12.92 -28.33 17.66
C LEU A 71 11.59 -28.45 16.94
N ARG A 72 11.16 -27.35 16.34
CA ARG A 72 9.89 -27.30 15.63
C ARG A 72 10.06 -27.86 14.21
N LYS A 73 11.26 -27.71 13.67
CA LYS A 73 11.57 -28.22 12.34
C LYS A 73 11.44 -29.74 12.31
N ASP A 74 10.82 -30.24 11.24
CA ASP A 74 10.62 -31.69 11.02
C ASP A 74 9.52 -32.24 11.93
N LYS A 75 9.14 -31.47 12.94
CA LYS A 75 8.13 -31.88 13.89
C LYS A 75 6.74 -31.50 13.36
N THR A 76 5.80 -32.41 13.51
CA THR A 76 4.44 -32.21 13.03
C THR A 76 3.67 -31.21 13.88
N LEU A 77 2.46 -30.89 13.43
CA LEU A 77 1.60 -29.98 14.16
C LEU A 77 1.24 -30.55 15.51
N LEU A 78 1.43 -29.74 16.53
CA LEU A 78 1.13 -30.13 17.90
C LEU A 78 0.60 -28.91 18.64
N ARG A 79 1.33 -27.81 18.52
CA ARG A 79 0.93 -26.54 19.07
C ARG A 79 1.73 -25.42 18.43
N ASP A 80 3.02 -25.70 18.18
CA ASP A 80 3.93 -24.74 17.55
C ASP A 80 3.99 -23.48 18.41
N GLU A 81 4.83 -23.55 19.43
CA GLU A 81 4.79 -22.59 20.52
C GLU A 81 5.53 -21.30 20.20
N LYS A 82 4.85 -20.20 20.51
CA LYS A 82 5.50 -18.90 20.57
C LYS A 82 5.92 -18.66 22.01
N LYS A 83 7.21 -18.47 22.23
CA LYS A 83 7.72 -18.26 23.58
C LYS A 83 7.13 -16.96 24.14
N MET A 84 6.96 -16.00 23.26
CA MET A 84 6.26 -14.77 23.59
C MET A 84 4.99 -14.68 22.76
N GLU A 85 3.85 -14.61 23.42
CA GLU A 85 2.56 -14.55 22.74
C GLU A 85 1.54 -13.85 23.63
N LYS A 86 0.99 -14.60 24.59
CA LYS A 86 -0.03 -14.11 25.52
C LYS A 86 -1.28 -13.63 24.77
N LEU A 87 -1.27 -12.38 24.32
CA LEU A 87 -2.38 -11.84 23.55
C LEU A 87 -1.91 -10.66 22.69
N LYS A 88 -2.45 -10.57 21.47
CA LYS A 88 -2.17 -9.46 20.56
C LYS A 88 -0.66 -9.23 20.38
N GLN A 89 -0.04 -10.05 19.53
CA GLN A 89 1.36 -9.85 19.18
C GLN A 89 1.49 -9.76 17.66
N LYS A 90 2.18 -8.72 17.21
CA LYS A 90 2.42 -8.53 15.80
C LYS A 90 3.90 -8.20 15.58
N LEU A 91 4.37 -8.39 14.36
CA LEU A 91 5.77 -8.11 14.02
C LEU A 91 5.95 -6.65 13.64
N HIS A 92 4.96 -5.82 13.98
CA HIS A 92 4.99 -4.38 13.74
C HIS A 92 4.84 -4.05 12.25
N THR A 93 5.80 -4.51 11.44
CA THR A 93 5.90 -4.15 10.03
C THR A 93 5.77 -2.64 9.83
N ASP A 94 6.88 -1.95 10.07
CA ASP A 94 6.93 -0.51 9.89
C ASP A 94 8.30 -0.09 9.39
N ASP A 95 8.98 -1.03 8.78
CA ASP A 95 10.30 -0.79 8.21
C ASP A 95 10.22 -0.94 6.69
N GLU A 96 9.44 -1.90 6.28
CA GLU A 96 9.19 -2.17 4.87
C GLU A 96 7.96 -1.40 4.41
N LEU A 97 7.32 -0.71 5.35
CA LEU A 97 6.13 0.07 5.05
C LEU A 97 6.50 1.53 4.86
N ASN A 98 6.32 2.04 3.65
CA ASN A 98 6.55 3.45 3.38
C ASN A 98 5.23 4.19 3.41
N TRP A 99 4.86 4.72 4.58
CA TRP A 99 3.59 5.37 4.76
C TRP A 99 3.54 6.74 4.08
N LEU A 100 2.48 6.96 3.31
CA LEU A 100 2.23 8.26 2.71
C LEU A 100 0.74 8.41 2.43
N ASP A 101 0.17 9.55 2.78
CA ASP A 101 -1.24 9.77 2.54
C ASP A 101 -1.47 10.29 1.13
N HIS A 102 -1.59 11.60 0.96
CA HIS A 102 -1.74 12.19 -0.36
C HIS A 102 -0.83 13.41 -0.44
N GLY A 103 -0.98 14.23 -1.48
CA GLY A 103 -0.16 15.41 -1.62
C GLY A 103 1.18 15.12 -2.26
N ARG A 104 1.22 14.06 -3.04
CA ARG A 104 2.42 13.69 -3.78
C ARG A 104 2.04 12.71 -4.89
N THR A 105 3.00 12.32 -5.69
CA THR A 105 2.75 11.39 -6.78
C THR A 105 3.60 10.14 -6.60
N LEU A 106 3.53 9.23 -7.57
CA LEU A 106 4.31 8.00 -7.51
C LEU A 106 5.80 8.27 -7.67
N ARG A 107 6.12 9.30 -8.46
CA ARG A 107 7.50 9.66 -8.71
C ARG A 107 8.12 10.29 -7.47
N GLU A 108 7.27 10.91 -6.64
CA GLU A 108 7.74 11.56 -5.42
C GLU A 108 8.11 10.52 -4.38
N GLN A 109 7.21 9.56 -4.17
CA GLN A 109 7.41 8.58 -3.14
C GLN A 109 8.45 7.54 -3.55
N GLY A 110 8.74 7.51 -4.86
CA GLY A 110 9.76 6.61 -5.36
C GLY A 110 9.28 5.17 -5.42
N VAL A 111 8.17 4.94 -6.11
CA VAL A 111 7.63 3.60 -6.23
C VAL A 111 7.76 3.08 -7.67
N GLU A 112 8.42 1.95 -7.80
CA GLU A 112 8.46 1.24 -9.07
C GLU A 112 7.29 0.27 -9.14
N GLU A 113 6.94 -0.18 -10.33
CA GLU A 113 5.75 -1.02 -10.49
C GLU A 113 5.94 -2.41 -9.89
N HIS A 114 7.18 -2.76 -9.53
CA HIS A 114 7.43 -4.04 -8.87
C HIS A 114 7.09 -3.94 -7.39
N GLU A 115 6.75 -2.74 -6.94
CA GLU A 115 6.35 -2.51 -5.56
C GLU A 115 4.84 -2.62 -5.45
N THR A 116 4.35 -2.96 -4.27
CA THR A 116 2.92 -3.07 -4.06
C THR A 116 2.38 -1.83 -3.35
N LEU A 117 1.33 -1.24 -3.90
CA LEU A 117 0.69 -0.09 -3.28
C LEU A 117 -0.33 -0.60 -2.26
N LEU A 118 -0.12 -0.25 -1.01
CA LEU A 118 -0.97 -0.74 0.05
C LEU A 118 -1.98 0.30 0.49
N LEU A 119 -3.24 -0.09 0.45
CA LEU A 119 -4.28 0.69 1.11
C LEU A 119 -4.52 0.08 2.48
N ARG A 120 -4.13 0.81 3.50
CA ARG A 120 -4.11 0.26 4.84
C ARG A 120 -4.56 1.30 5.86
N ARG A 121 -5.41 0.88 6.78
CA ARG A 121 -5.85 1.77 7.86
C ARG A 121 -4.66 2.23 8.67
N LYS A 122 -4.59 3.55 8.87
CA LYS A 122 -3.44 4.17 9.51
C LYS A 122 -3.17 3.56 10.88
N PHE A 123 -4.01 3.88 11.84
CA PHE A 123 -3.94 3.24 13.14
C PHE A 123 -4.57 1.86 13.07
N PHE A 124 -3.72 0.85 13.11
CA PHE A 124 -4.15 -0.53 12.92
C PHE A 124 -4.91 -1.05 14.13
N TYR A 125 -6.21 -0.76 14.15
CA TYR A 125 -7.11 -1.27 15.17
C TYR A 125 -8.37 -1.79 14.50
N SER A 126 -9.31 -2.29 15.32
CA SER A 126 -10.63 -2.70 14.84
C SER A 126 -10.56 -3.99 14.01
N ASP A 127 -11.74 -4.50 13.67
CA ASP A 127 -11.85 -5.74 12.92
C ASP A 127 -12.23 -5.45 11.48
N GLN A 128 -13.04 -4.42 11.30
CA GLN A 128 -13.46 -4.01 9.98
C GLN A 128 -12.50 -2.97 9.41
N SER A 1 -9.00 -1.77 -28.47
CA SER A 1 -7.91 -1.90 -27.47
C SER A 1 -7.11 -0.60 -27.39
N SER A 2 -7.63 0.47 -27.98
CA SER A 2 -6.92 1.73 -28.01
C SER A 2 -7.27 2.57 -26.79
N GLY A 3 -6.38 2.54 -25.80
CA GLY A 3 -6.60 3.29 -24.59
C GLY A 3 -5.81 4.58 -24.55
N LEU A 4 -5.32 4.98 -25.70
CA LEU A 4 -4.52 6.20 -25.80
C LEU A 4 -5.45 7.40 -25.95
N VAL A 5 -5.58 8.17 -24.88
CA VAL A 5 -6.44 9.34 -24.88
C VAL A 5 -5.59 10.61 -24.94
N PRO A 6 -5.85 11.47 -25.92
CA PRO A 6 -5.12 12.73 -26.10
C PRO A 6 -5.24 13.63 -24.86
N ARG A 7 -4.12 13.75 -24.15
CA ARG A 7 -4.03 14.60 -22.95
C ARG A 7 -5.05 14.18 -21.89
N GLY A 8 -4.74 13.10 -21.18
CA GLY A 8 -5.59 12.68 -20.08
C GLY A 8 -6.02 11.23 -20.19
N SER A 9 -6.69 10.75 -19.14
CA SER A 9 -7.21 9.39 -19.10
C SER A 9 -6.12 8.35 -19.37
N HIS A 10 -4.98 8.50 -18.71
CA HIS A 10 -3.92 7.52 -18.81
C HIS A 10 -4.26 6.30 -17.97
N MET A 11 -4.95 5.36 -18.58
CA MET A 11 -5.39 4.17 -17.87
C MET A 11 -4.26 3.19 -17.66
N ARG A 12 -4.07 2.77 -16.41
CA ARG A 12 -3.11 1.72 -16.10
C ARG A 12 -3.53 0.93 -14.87
N PRO A 13 -3.49 -0.40 -14.95
CA PRO A 13 -3.80 -1.29 -13.82
C PRO A 13 -2.63 -1.36 -12.82
N LEU A 14 -2.96 -1.26 -11.54
CA LEU A 14 -1.96 -1.28 -10.49
C LEU A 14 -2.33 -2.32 -9.42
N LYS A 15 -1.32 -2.91 -8.80
CA LYS A 15 -1.56 -3.94 -7.78
C LYS A 15 -1.73 -3.29 -6.41
N ILE A 16 -2.94 -3.34 -5.90
CA ILE A 16 -3.21 -2.83 -4.56
C ILE A 16 -3.53 -3.96 -3.60
N ARG A 17 -3.12 -3.82 -2.36
CA ARG A 17 -3.37 -4.85 -1.36
C ARG A 17 -4.46 -4.39 -0.41
N MET A 18 -5.45 -5.25 -0.22
CA MET A 18 -6.58 -4.97 0.65
C MET A 18 -6.24 -5.32 2.08
N LEU A 19 -7.07 -4.85 3.01
CA LEU A 19 -6.86 -5.05 4.45
C LEU A 19 -6.86 -6.53 4.79
N ASP A 20 -7.56 -7.31 3.99
CA ASP A 20 -7.63 -8.75 4.17
C ASP A 20 -6.30 -9.42 3.82
N GLY A 21 -5.38 -8.63 3.29
CA GLY A 21 -4.09 -9.15 2.88
C GLY A 21 -4.15 -9.77 1.51
N THR A 22 -5.08 -9.28 0.68
CA THR A 22 -5.23 -9.80 -0.65
C THR A 22 -4.88 -8.75 -1.69
N VAL A 23 -4.22 -9.16 -2.76
CA VAL A 23 -3.81 -8.25 -3.81
C VAL A 23 -4.85 -8.24 -4.94
N LYS A 24 -5.29 -7.06 -5.32
CA LYS A 24 -6.23 -6.92 -6.40
C LYS A 24 -5.67 -5.97 -7.45
N THR A 25 -5.86 -6.32 -8.70
CA THR A 25 -5.43 -5.48 -9.80
C THR A 25 -6.55 -4.53 -10.20
N ILE A 26 -6.35 -3.26 -9.93
CA ILE A 26 -7.34 -2.25 -10.24
C ILE A 26 -6.88 -1.40 -11.43
N MET A 27 -7.74 -1.29 -12.44
CA MET A 27 -7.45 -0.42 -13.57
C MET A 27 -7.63 1.02 -13.13
N VAL A 28 -6.56 1.76 -13.17
CA VAL A 28 -6.58 3.15 -12.72
C VAL A 28 -6.62 4.09 -13.89
N ASP A 29 -7.35 5.17 -13.73
CA ASP A 29 -7.17 6.31 -14.59
C ASP A 29 -6.07 7.17 -13.99
N ASP A 30 -4.85 6.83 -14.34
CA ASP A 30 -3.66 7.39 -13.70
C ASP A 30 -3.44 8.85 -14.04
N SER A 31 -3.52 9.69 -13.02
CA SER A 31 -3.19 11.11 -13.16
C SER A 31 -1.79 11.37 -12.58
N LYS A 32 -1.06 10.28 -12.32
CA LYS A 32 0.32 10.32 -11.81
C LYS A 32 0.41 10.88 -10.40
N THR A 33 -0.73 11.11 -9.79
CA THR A 33 -0.78 11.63 -8.43
C THR A 33 -1.46 10.63 -7.51
N VAL A 34 -0.87 10.42 -6.34
CA VAL A 34 -1.41 9.49 -5.36
C VAL A 34 -2.84 9.86 -4.98
N THR A 35 -3.07 11.15 -4.79
CA THR A 35 -4.36 11.70 -4.45
C THR A 35 -5.48 11.20 -5.37
N ASP A 36 -5.34 11.54 -6.64
CA ASP A 36 -6.35 11.21 -7.65
C ASP A 36 -6.38 9.71 -7.92
N MET A 37 -5.21 9.10 -7.95
CA MET A 37 -5.10 7.66 -8.18
C MET A 37 -5.88 6.88 -7.13
N LEU A 38 -5.57 7.17 -5.87
CA LEU A 38 -6.11 6.41 -4.75
C LEU A 38 -7.60 6.66 -4.54
N MET A 39 -8.03 7.92 -4.67
CA MET A 39 -9.45 8.24 -4.50
C MET A 39 -10.28 7.52 -5.56
N THR A 40 -9.64 7.20 -6.68
CA THR A 40 -10.28 6.44 -7.73
C THR A 40 -10.31 4.96 -7.35
N ILE A 41 -9.15 4.41 -7.01
CA ILE A 41 -9.01 2.99 -6.65
C ILE A 41 -9.97 2.58 -5.54
N CYS A 42 -10.04 3.37 -4.48
CA CYS A 42 -10.91 3.05 -3.35
C CYS A 42 -12.38 3.10 -3.79
N ALA A 43 -12.69 4.03 -4.68
CA ALA A 43 -14.05 4.16 -5.19
C ALA A 43 -14.42 2.97 -6.08
N ARG A 44 -13.42 2.37 -6.70
CA ARG A 44 -13.64 1.22 -7.58
C ARG A 44 -14.16 0.03 -6.77
N ILE A 45 -13.72 -0.07 -5.53
CA ILE A 45 -14.14 -1.17 -4.67
C ILE A 45 -15.33 -0.76 -3.78
N GLY A 46 -15.41 0.52 -3.45
CA GLY A 46 -16.54 1.01 -2.68
C GLY A 46 -16.16 1.98 -1.59
N ILE A 47 -14.96 1.84 -1.05
CA ILE A 47 -14.48 2.69 0.03
C ILE A 47 -14.41 4.15 -0.41
N THR A 48 -15.14 5.01 0.27
CA THR A 48 -15.14 6.42 -0.07
C THR A 48 -14.84 7.29 1.14
N ASN A 49 -13.55 7.38 1.48
CA ASN A 49 -13.06 8.29 2.52
C ASN A 49 -11.55 8.26 2.55
N HIS A 50 -10.95 9.34 3.04
CA HIS A 50 -9.52 9.41 3.21
C HIS A 50 -9.20 10.02 4.57
N ASP A 51 -10.21 10.02 5.44
CA ASP A 51 -10.05 10.56 6.78
C ASP A 51 -9.23 9.61 7.63
N GLU A 52 -9.61 8.34 7.61
CA GLU A 52 -8.89 7.33 8.37
C GLU A 52 -7.93 6.57 7.47
N TYR A 53 -8.30 6.42 6.20
CA TYR A 53 -7.49 5.65 5.28
C TYR A 53 -6.28 6.44 4.80
N SER A 54 -5.15 5.75 4.79
CA SER A 54 -3.89 6.29 4.32
C SER A 54 -3.08 5.15 3.75
N LEU A 55 -2.20 5.43 2.80
CA LEU A 55 -1.56 4.36 2.06
C LEU A 55 -0.17 4.06 2.59
N VAL A 56 0.29 2.85 2.31
CA VAL A 56 1.62 2.42 2.69
C VAL A 56 2.18 1.49 1.62
N ARG A 57 3.45 1.61 1.34
CA ARG A 57 4.11 0.77 0.34
C ARG A 57 4.54 -0.55 0.97
N GLU A 58 4.12 -1.64 0.36
CA GLU A 58 4.51 -2.97 0.81
C GLU A 58 5.67 -3.48 -0.02
N LEU A 59 6.86 -3.45 0.54
CA LEU A 59 8.04 -3.87 -0.19
C LEU A 59 8.25 -5.37 -0.10
N MET A 60 8.53 -5.96 -1.25
CA MET A 60 8.86 -7.38 -1.33
C MET A 60 10.35 -7.53 -1.56
N GLU A 61 11.09 -6.64 -0.91
CA GLU A 61 12.53 -6.55 -1.09
C GLU A 61 13.24 -7.69 -0.39
N GLU A 62 14.42 -8.02 -0.88
CA GLU A 62 15.29 -8.98 -0.21
C GLU A 62 16.58 -8.26 0.20
N LYS A 63 16.55 -7.70 1.39
CA LYS A 63 17.66 -6.91 1.89
C LYS A 63 18.86 -7.80 2.20
N LYS A 64 20.03 -7.35 1.78
CA LYS A 64 21.26 -8.06 2.07
C LYS A 64 21.68 -7.78 3.51
N ASP A 65 21.74 -8.84 4.31
CA ASP A 65 22.11 -8.70 5.71
C ASP A 65 23.59 -8.42 5.86
N GLU A 66 23.99 -7.93 7.01
CA GLU A 66 25.39 -7.62 7.27
C GLU A 66 26.14 -8.90 7.64
N GLY A 67 26.75 -9.49 6.63
CA GLY A 67 27.53 -10.70 6.83
C GLY A 67 28.60 -10.83 5.77
N THR A 68 29.12 -9.69 5.34
CA THR A 68 30.11 -9.65 4.27
C THR A 68 31.51 -9.52 4.85
N GLY A 69 31.58 -9.09 6.10
CA GLY A 69 32.87 -8.93 6.76
C GLY A 69 33.37 -10.21 7.38
N THR A 70 33.38 -11.28 6.59
CA THR A 70 33.83 -12.57 7.06
C THR A 70 35.34 -12.69 6.98
N LEU A 71 35.87 -12.44 5.78
CA LEU A 71 37.31 -12.50 5.55
C LEU A 71 37.94 -11.14 5.83
N ARG A 72 37.76 -10.64 7.05
CA ARG A 72 38.36 -9.38 7.46
C ARG A 72 39.63 -9.63 8.25
N LYS A 73 39.76 -10.85 8.77
CA LYS A 73 40.88 -11.23 9.63
C LYS A 73 40.64 -12.62 10.22
N ASP A 74 39.38 -13.04 10.19
CA ASP A 74 38.94 -14.32 10.78
C ASP A 74 38.90 -14.23 12.29
N LYS A 75 37.87 -14.85 12.88
CA LYS A 75 37.61 -14.78 14.31
C LYS A 75 37.20 -13.37 14.71
N THR A 76 36.80 -12.58 13.71
CA THR A 76 36.42 -11.20 13.93
C THR A 76 34.95 -11.10 14.34
N LEU A 77 34.17 -12.11 13.96
CA LEU A 77 32.74 -12.13 14.21
C LEU A 77 32.37 -13.15 15.28
N LEU A 78 31.18 -13.00 15.85
CA LEU A 78 30.67 -13.94 16.82
C LEU A 78 29.62 -14.82 16.18
N ARG A 79 29.37 -15.98 16.75
CA ARG A 79 28.51 -16.97 16.11
C ARG A 79 27.30 -17.30 16.97
N ASP A 80 26.86 -16.34 17.78
CA ASP A 80 25.69 -16.54 18.62
C ASP A 80 24.48 -15.84 18.05
N GLU A 81 24.71 -15.00 17.05
CA GLU A 81 23.65 -14.32 16.34
C GLU A 81 22.99 -15.26 15.33
N LYS A 82 22.27 -16.23 15.85
CA LYS A 82 21.54 -17.17 15.02
C LYS A 82 20.09 -17.28 15.46
N LYS A 83 19.70 -16.38 16.36
CA LYS A 83 18.35 -16.34 16.89
C LYS A 83 17.93 -14.92 17.21
N MET A 84 18.73 -13.95 16.75
CA MET A 84 18.48 -12.55 17.06
C MET A 84 17.70 -11.90 15.93
N GLU A 85 17.91 -12.41 14.73
CA GLU A 85 17.23 -11.91 13.55
C GLU A 85 16.00 -12.77 13.28
N LYS A 86 15.69 -13.65 14.23
CA LYS A 86 14.50 -14.49 14.14
C LYS A 86 13.26 -13.61 14.26
N LEU A 87 13.32 -12.67 15.19
CA LEU A 87 12.24 -11.74 15.43
C LEU A 87 12.77 -10.31 15.38
N LYS A 88 11.87 -9.36 15.37
CA LYS A 88 12.27 -7.95 15.35
C LYS A 88 11.86 -7.28 16.65
N GLN A 89 12.24 -6.02 16.80
CA GLN A 89 11.94 -5.27 18.02
C GLN A 89 10.55 -4.65 17.91
N LYS A 90 9.79 -5.10 16.93
CA LYS A 90 8.44 -4.63 16.70
C LYS A 90 7.49 -5.82 16.68
N LEU A 91 6.25 -5.62 17.11
CA LEU A 91 5.23 -6.69 17.08
C LEU A 91 5.15 -7.30 15.68
N HIS A 92 4.97 -6.45 14.69
CA HIS A 92 5.05 -6.88 13.30
C HIS A 92 6.08 -6.01 12.59
N THR A 93 6.95 -6.65 11.83
CA THR A 93 8.02 -5.95 11.16
C THR A 93 7.46 -4.94 10.15
N ASP A 94 7.76 -3.67 10.37
CA ASP A 94 7.22 -2.60 9.54
C ASP A 94 8.33 -1.95 8.72
N ASP A 95 9.39 -2.69 8.51
CA ASP A 95 10.53 -2.19 7.75
C ASP A 95 10.22 -2.20 6.26
N GLU A 96 9.30 -3.06 5.87
CA GLU A 96 8.86 -3.13 4.48
C GLU A 96 7.77 -2.09 4.24
N LEU A 97 7.30 -1.48 5.31
CA LEU A 97 6.22 -0.51 5.24
C LEU A 97 6.74 0.90 5.06
N ASN A 98 6.54 1.45 3.88
CA ASN A 98 6.88 2.84 3.61
C ASN A 98 5.60 3.63 3.38
N TRP A 99 5.17 4.36 4.40
CA TRP A 99 3.90 5.09 4.35
C TRP A 99 3.98 6.24 3.37
N LEU A 100 2.89 6.46 2.63
CA LEU A 100 2.82 7.56 1.68
C LEU A 100 1.37 8.00 1.53
N ASP A 101 1.16 9.30 1.35
CA ASP A 101 -0.20 9.83 1.25
C ASP A 101 -0.34 10.69 -0.01
N HIS A 102 -1.31 11.57 -0.03
CA HIS A 102 -1.66 12.32 -1.23
C HIS A 102 -0.90 13.65 -1.27
N GLY A 103 -1.11 14.40 -2.33
CA GLY A 103 -0.48 15.71 -2.46
C GLY A 103 0.91 15.64 -3.08
N ARG A 104 1.16 14.59 -3.84
CA ARG A 104 2.46 14.36 -4.44
C ARG A 104 2.37 13.23 -5.44
N THR A 105 3.34 13.15 -6.32
CA THR A 105 3.38 12.11 -7.33
C THR A 105 4.28 10.96 -6.88
N LEU A 106 4.38 9.93 -7.71
CA LEU A 106 5.12 8.73 -7.34
C LEU A 106 6.61 9.02 -7.33
N ARG A 107 7.08 9.74 -8.35
CA ARG A 107 8.49 10.07 -8.49
C ARG A 107 8.94 11.06 -7.43
N GLU A 108 7.99 11.81 -6.88
CA GLU A 108 8.29 12.78 -5.83
C GLU A 108 8.58 12.08 -4.52
N GLN A 109 7.67 11.20 -4.12
CA GLN A 109 7.80 10.53 -2.83
C GLN A 109 8.84 9.42 -2.91
N GLY A 110 9.11 8.98 -4.13
CA GLY A 110 10.14 7.98 -4.35
C GLY A 110 9.60 6.57 -4.30
N VAL A 111 8.43 6.37 -4.91
CA VAL A 111 7.79 5.07 -4.92
C VAL A 111 7.61 4.54 -6.34
N GLU A 112 8.03 3.30 -6.55
CA GLU A 112 7.92 2.64 -7.84
C GLU A 112 6.57 1.96 -8.01
N GLU A 113 6.20 1.76 -9.26
CA GLU A 113 4.93 1.12 -9.60
C GLU A 113 4.99 -0.38 -9.35
N HIS A 114 6.20 -0.91 -9.10
CA HIS A 114 6.34 -2.33 -8.79
C HIS A 114 6.16 -2.57 -7.29
N GLU A 115 6.03 -1.47 -6.54
CA GLU A 115 5.83 -1.57 -5.11
C GLU A 115 4.33 -1.72 -4.83
N THR A 116 3.97 -2.76 -4.09
CA THR A 116 2.58 -3.06 -3.84
C THR A 116 1.95 -1.98 -2.95
N LEU A 117 0.95 -1.29 -3.50
CA LEU A 117 0.29 -0.22 -2.78
C LEU A 117 -0.71 -0.81 -1.79
N LEU A 118 -0.44 -0.60 -0.51
CA LEU A 118 -1.33 -1.08 0.54
C LEU A 118 -2.45 -0.09 0.76
N LEU A 119 -3.69 -0.53 0.58
CA LEU A 119 -4.82 0.26 0.97
C LEU A 119 -5.06 0.00 2.45
N ARG A 120 -4.78 1.00 3.27
CA ARG A 120 -4.72 0.81 4.70
C ARG A 120 -5.57 1.84 5.43
N ARG A 121 -6.20 1.43 6.52
CA ARG A 121 -6.97 2.34 7.36
C ARG A 121 -6.06 3.00 8.39
N LYS A 122 -4.81 3.19 7.97
CA LYS A 122 -3.75 3.69 8.82
C LYS A 122 -3.48 2.70 9.95
N PHE A 123 -4.23 2.80 11.03
CA PHE A 123 -4.10 1.89 12.14
C PHE A 123 -5.46 1.43 12.62
N PHE A 124 -6.05 2.25 13.48
CA PHE A 124 -7.36 1.99 14.10
C PHE A 124 -7.27 0.84 15.11
N TYR A 125 -6.58 -0.22 14.70
CA TYR A 125 -6.33 -1.40 15.53
C TYR A 125 -7.60 -2.21 15.73
N SER A 126 -8.57 -1.64 16.42
CA SER A 126 -9.84 -2.27 16.69
C SER A 126 -10.86 -1.21 17.05
N ASP A 127 -12.08 -1.61 17.41
CA ASP A 127 -13.10 -0.66 17.82
C ASP A 127 -12.82 -0.12 19.23
N GLN A 128 -11.71 0.59 19.35
CA GLN A 128 -11.28 1.17 20.61
C GLN A 128 -10.52 2.47 20.36
N SER A 1 -17.03 6.24 -42.28
CA SER A 1 -15.95 7.22 -42.06
C SER A 1 -15.62 7.34 -40.58
N SER A 2 -16.65 7.40 -39.74
CA SER A 2 -16.46 7.52 -38.30
C SER A 2 -16.44 6.15 -37.62
N GLY A 3 -16.04 5.13 -38.38
CA GLY A 3 -15.91 3.81 -37.81
C GLY A 3 -14.56 3.63 -37.13
N LEU A 4 -14.31 4.42 -36.11
CA LEU A 4 -13.06 4.38 -35.39
C LEU A 4 -13.14 3.42 -34.21
N VAL A 5 -12.04 2.75 -33.93
CA VAL A 5 -11.92 1.97 -32.70
C VAL A 5 -11.25 2.83 -31.62
N PRO A 6 -12.05 3.33 -30.67
CA PRO A 6 -11.55 4.23 -29.63
C PRO A 6 -10.74 3.47 -28.57
N ARG A 7 -10.18 4.22 -27.64
CA ARG A 7 -9.42 3.62 -26.56
C ARG A 7 -10.25 3.61 -25.29
N GLY A 8 -11.08 4.64 -25.14
CA GLY A 8 -11.93 4.76 -23.97
C GLY A 8 -11.15 5.31 -22.79
N SER A 9 -10.14 4.56 -22.38
CA SER A 9 -9.27 4.95 -21.29
C SER A 9 -8.02 4.10 -21.33
N HIS A 10 -6.88 4.65 -20.93
CA HIS A 10 -5.67 3.84 -20.85
C HIS A 10 -5.68 3.08 -19.53
N MET A 11 -6.10 1.84 -19.61
CA MET A 11 -6.21 1.00 -18.42
C MET A 11 -4.86 0.79 -17.78
N ARG A 12 -4.64 1.47 -16.67
CA ARG A 12 -3.41 1.35 -15.91
C ARG A 12 -3.63 0.44 -14.71
N PRO A 13 -3.15 -0.81 -14.81
CA PRO A 13 -3.27 -1.77 -13.73
C PRO A 13 -2.33 -1.46 -12.57
N LEU A 14 -2.91 -1.19 -11.42
CA LEU A 14 -2.13 -0.90 -10.22
C LEU A 14 -2.43 -1.97 -9.18
N LYS A 15 -1.39 -2.56 -8.63
CA LYS A 15 -1.55 -3.60 -7.63
C LYS A 15 -1.78 -2.98 -6.26
N ILE A 16 -3.00 -3.06 -5.79
CA ILE A 16 -3.32 -2.56 -4.47
C ILE A 16 -3.60 -3.71 -3.51
N ARG A 17 -3.03 -3.61 -2.33
CA ARG A 17 -3.20 -4.63 -1.32
C ARG A 17 -4.17 -4.11 -0.27
N MET A 18 -5.31 -4.76 -0.16
CA MET A 18 -6.37 -4.25 0.71
C MET A 18 -6.13 -4.63 2.16
N LEU A 19 -7.15 -4.35 2.96
CA LEU A 19 -7.08 -4.39 4.42
C LEU A 19 -6.56 -5.73 4.94
N ASP A 20 -7.04 -6.82 4.35
CA ASP A 20 -6.68 -8.16 4.80
C ASP A 20 -5.35 -8.60 4.21
N GLY A 21 -4.68 -7.68 3.53
CA GLY A 21 -3.42 -8.00 2.90
C GLY A 21 -3.62 -8.73 1.58
N THR A 22 -4.77 -8.51 0.97
CA THR A 22 -5.11 -9.20 -0.27
C THR A 22 -4.87 -8.27 -1.47
N VAL A 23 -4.26 -8.80 -2.52
CA VAL A 23 -3.92 -8.01 -3.69
C VAL A 23 -5.02 -8.06 -4.73
N LYS A 24 -5.47 -6.89 -5.16
CA LYS A 24 -6.48 -6.79 -6.20
C LYS A 24 -5.96 -5.94 -7.36
N THR A 25 -6.24 -6.39 -8.57
CA THR A 25 -5.87 -5.63 -9.76
C THR A 25 -6.93 -4.58 -10.05
N ILE A 26 -6.58 -3.31 -9.86
CA ILE A 26 -7.51 -2.23 -10.09
C ILE A 26 -7.08 -1.40 -11.30
N MET A 27 -8.06 -1.04 -12.12
CA MET A 27 -7.81 -0.22 -13.29
C MET A 27 -7.78 1.25 -12.88
N VAL A 28 -6.69 1.91 -13.20
CA VAL A 28 -6.55 3.32 -12.94
C VAL A 28 -6.55 4.08 -14.26
N ASP A 29 -7.24 5.21 -14.30
CA ASP A 29 -7.22 6.06 -15.48
C ASP A 29 -5.95 6.88 -15.48
N ASP A 30 -5.37 6.95 -14.29
CA ASP A 30 -4.04 7.50 -14.05
C ASP A 30 -3.82 8.84 -14.73
N SER A 31 -4.17 9.92 -14.04
CA SER A 31 -4.02 11.24 -14.60
C SER A 31 -2.95 12.05 -13.85
N LYS A 32 -3.02 12.08 -12.52
CA LYS A 32 -2.14 12.94 -11.74
C LYS A 32 -1.52 12.22 -10.53
N THR A 33 -1.52 12.92 -9.40
CA THR A 33 -0.87 12.49 -8.16
C THR A 33 -1.45 11.20 -7.58
N VAL A 34 -0.89 10.79 -6.44
CA VAL A 34 -1.43 9.69 -5.66
C VAL A 34 -2.89 9.99 -5.32
N THR A 35 -3.18 11.26 -5.10
CA THR A 35 -4.52 11.73 -4.90
C THR A 35 -5.45 11.24 -6.01
N ASP A 36 -5.12 11.62 -7.24
CA ASP A 36 -5.92 11.29 -8.41
C ASP A 36 -5.95 9.79 -8.65
N MET A 37 -4.78 9.17 -8.60
CA MET A 37 -4.64 7.74 -8.85
C MET A 37 -5.43 6.92 -7.84
N LEU A 38 -5.25 7.23 -6.57
CA LEU A 38 -5.78 6.40 -5.49
C LEU A 38 -7.26 6.66 -5.25
N MET A 39 -7.73 7.88 -5.47
CA MET A 39 -9.15 8.17 -5.27
C MET A 39 -9.98 7.37 -6.27
N THR A 40 -9.40 7.14 -7.45
CA THR A 40 -10.02 6.27 -8.43
C THR A 40 -10.09 4.84 -7.92
N ILE A 41 -8.93 4.32 -7.51
CA ILE A 41 -8.82 2.97 -6.97
C ILE A 41 -9.79 2.74 -5.82
N CYS A 42 -9.81 3.66 -4.87
CA CYS A 42 -10.70 3.54 -3.72
C CYS A 42 -12.17 3.62 -4.16
N ALA A 43 -12.43 4.33 -5.25
CA ALA A 43 -13.79 4.40 -5.79
C ALA A 43 -14.13 3.11 -6.52
N ARG A 44 -13.12 2.43 -7.04
CA ARG A 44 -13.32 1.18 -7.75
C ARG A 44 -13.76 0.07 -6.80
N ILE A 45 -13.36 0.19 -5.54
CA ILE A 45 -13.69 -0.81 -4.54
C ILE A 45 -14.85 -0.37 -3.64
N GLY A 46 -15.14 0.93 -3.65
CA GLY A 46 -16.24 1.43 -2.85
C GLY A 46 -15.81 1.94 -1.49
N ILE A 47 -14.71 2.69 -1.47
CA ILE A 47 -14.20 3.27 -0.24
C ILE A 47 -14.08 4.79 -0.37
N THR A 48 -13.01 5.24 -1.04
CA THR A 48 -12.69 6.66 -1.17
C THR A 48 -12.75 7.35 0.20
N ASN A 49 -11.72 7.11 1.01
CA ASN A 49 -11.66 7.66 2.36
C ASN A 49 -10.22 7.91 2.76
N HIS A 50 -9.99 8.98 3.50
CA HIS A 50 -8.70 9.23 4.10
C HIS A 50 -8.84 9.92 5.45
N ASP A 51 -9.58 9.28 6.33
CA ASP A 51 -9.66 9.72 7.70
C ASP A 51 -9.20 8.59 8.60
N GLU A 52 -9.84 7.44 8.44
CA GLU A 52 -9.49 6.24 9.18
C GLU A 52 -8.55 5.37 8.35
N TYR A 53 -8.51 5.63 7.04
CA TYR A 53 -7.70 4.85 6.12
C TYR A 53 -6.46 5.61 5.69
N SER A 54 -5.32 4.91 5.68
CA SER A 54 -4.06 5.49 5.24
C SER A 54 -3.36 4.50 4.31
N LEU A 55 -2.56 5.03 3.38
CA LEU A 55 -1.94 4.17 2.39
C LEU A 55 -0.45 4.00 2.68
N VAL A 56 0.08 2.84 2.37
CA VAL A 56 1.51 2.61 2.50
C VAL A 56 2.06 2.11 1.17
N ARG A 57 3.27 2.51 0.86
CA ARG A 57 3.96 1.96 -0.29
C ARG A 57 4.75 0.76 0.18
N GLU A 58 4.33 -0.41 -0.26
CA GLU A 58 4.89 -1.65 0.22
C GLU A 58 6.01 -2.11 -0.70
N LEU A 59 7.13 -2.48 -0.10
CA LEU A 59 8.30 -2.90 -0.84
C LEU A 59 8.09 -4.26 -1.47
N MET A 60 9.07 -4.68 -2.27
CA MET A 60 9.00 -5.95 -2.97
C MET A 60 9.32 -7.12 -2.04
N GLU A 61 9.53 -8.29 -2.64
CA GLU A 61 9.95 -9.50 -1.94
C GLU A 61 8.79 -10.22 -1.28
N GLU A 62 7.59 -9.66 -1.40
CA GLU A 62 6.40 -10.39 -0.99
C GLU A 62 6.02 -11.33 -2.13
N LYS A 63 6.79 -12.40 -2.25
CA LYS A 63 6.67 -13.31 -3.37
C LYS A 63 5.72 -14.46 -3.07
N LYS A 64 5.09 -14.39 -1.91
CA LYS A 64 4.12 -15.40 -1.48
C LYS A 64 4.71 -16.80 -1.55
N ASP A 65 5.41 -17.18 -0.49
CA ASP A 65 6.04 -18.50 -0.43
C ASP A 65 5.04 -19.54 0.02
N GLU A 66 5.49 -20.78 0.06
CA GLU A 66 4.65 -21.92 0.44
C GLU A 66 3.85 -21.62 1.70
N GLY A 67 2.53 -21.56 1.55
CA GLY A 67 1.66 -21.27 2.66
C GLY A 67 1.77 -22.31 3.76
N THR A 68 2.35 -21.92 4.88
CA THR A 68 2.52 -22.81 6.01
C THR A 68 1.81 -22.24 7.23
N GLY A 69 0.60 -22.73 7.48
CA GLY A 69 -0.15 -22.27 8.62
C GLY A 69 -0.71 -23.43 9.44
N THR A 70 0.18 -24.18 10.08
CA THR A 70 -0.24 -25.30 10.91
C THR A 70 -0.74 -24.78 12.24
N LEU A 71 -2.06 -24.66 12.37
CA LEU A 71 -2.65 -24.04 13.54
C LEU A 71 -2.68 -25.01 14.72
N ARG A 72 -1.58 -25.03 15.46
CA ARG A 72 -1.51 -25.82 16.68
C ARG A 72 -2.14 -25.03 17.82
N LYS A 73 -3.14 -25.63 18.45
CA LYS A 73 -3.88 -24.95 19.50
C LYS A 73 -3.15 -25.01 20.83
N ASP A 74 -2.12 -24.18 20.96
CA ASP A 74 -1.42 -24.01 22.22
C ASP A 74 -2.37 -23.36 23.21
N LYS A 75 -2.68 -24.07 24.29
CA LYS A 75 -3.66 -23.60 25.26
C LYS A 75 -3.20 -22.34 25.94
N THR A 76 -4.01 -21.29 25.79
CA THR A 76 -3.71 -20.00 26.38
C THR A 76 -3.69 -20.10 27.91
N LEU A 77 -2.77 -19.38 28.52
CA LEU A 77 -2.62 -19.42 29.96
C LEU A 77 -3.68 -18.58 30.64
N LEU A 78 -3.69 -18.58 31.97
CA LEU A 78 -4.67 -17.80 32.74
C LEU A 78 -4.28 -16.32 32.79
N ARG A 79 -3.96 -15.78 31.62
CA ARG A 79 -3.58 -14.39 31.49
C ARG A 79 -4.54 -13.70 30.54
N ASP A 80 -4.57 -12.38 30.56
CA ASP A 80 -5.54 -11.64 29.76
C ASP A 80 -4.99 -11.33 28.38
N GLU A 81 -4.34 -10.18 28.25
CA GLU A 81 -3.72 -9.79 27.00
C GLU A 81 -2.20 -9.86 27.06
N LYS A 82 -1.57 -9.40 25.98
CA LYS A 82 -0.10 -9.36 25.86
C LYS A 82 0.47 -10.77 25.63
N LYS A 83 -0.43 -11.75 25.68
CA LYS A 83 -0.09 -13.16 25.51
C LYS A 83 0.70 -13.70 26.69
N MET A 84 1.77 -13.00 27.05
CA MET A 84 2.64 -13.39 28.14
C MET A 84 3.47 -12.19 28.57
N GLU A 85 4.44 -12.41 29.44
CA GLU A 85 5.36 -11.36 29.82
C GLU A 85 6.59 -11.41 28.92
N LYS A 86 7.52 -10.49 29.13
CA LYS A 86 8.77 -10.43 28.34
C LYS A 86 8.51 -9.91 26.93
N LEU A 87 7.22 -9.71 26.60
CA LEU A 87 6.81 -9.24 25.27
C LEU A 87 6.97 -10.33 24.22
N LYS A 88 5.90 -10.59 23.47
CA LYS A 88 5.97 -11.51 22.35
C LYS A 88 6.81 -10.90 21.25
N GLN A 89 7.67 -11.71 20.63
CA GLN A 89 8.61 -11.20 19.65
C GLN A 89 7.93 -10.95 18.31
N LYS A 90 7.29 -9.79 18.21
CA LYS A 90 6.70 -9.33 16.97
C LYS A 90 6.51 -7.82 17.03
N LEU A 91 7.51 -7.10 16.56
CA LEU A 91 7.44 -5.64 16.53
C LEU A 91 7.06 -5.16 15.14
N HIS A 92 6.40 -6.05 14.40
CA HIS A 92 6.02 -5.83 13.00
C HIS A 92 7.26 -5.84 12.09
N THR A 93 7.05 -6.19 10.84
CA THR A 93 8.11 -6.12 9.85
C THR A 93 7.73 -5.05 8.82
N ASP A 94 7.22 -3.94 9.35
CA ASP A 94 6.70 -2.85 8.54
C ASP A 94 7.82 -1.98 7.98
N ASP A 95 9.00 -2.56 7.89
CA ASP A 95 10.12 -1.92 7.21
C ASP A 95 9.80 -1.81 5.72
N GLU A 96 9.03 -2.78 5.25
CA GLU A 96 8.58 -2.79 3.86
C GLU A 96 7.30 -1.97 3.71
N LEU A 97 6.91 -1.28 4.76
CA LEU A 97 5.73 -0.42 4.74
C LEU A 97 6.11 1.04 4.90
N ASN A 98 5.83 1.85 3.90
CA ASN A 98 6.05 3.29 3.99
C ASN A 98 4.73 4.04 3.86
N TRP A 99 4.22 4.53 4.97
CA TRP A 99 2.93 5.21 5.00
C TRP A 99 3.01 6.56 4.29
N LEU A 100 2.07 6.83 3.39
CA LEU A 100 2.04 8.11 2.69
C LEU A 100 0.62 8.63 2.54
N ASP A 101 0.53 9.92 2.22
CA ASP A 101 -0.74 10.59 2.00
C ASP A 101 -0.99 10.70 0.50
N HIS A 102 -2.09 11.31 0.10
CA HIS A 102 -2.41 11.43 -1.32
C HIS A 102 -1.56 12.53 -1.95
N GLY A 103 -1.14 13.49 -1.14
CA GLY A 103 -0.31 14.58 -1.62
C GLY A 103 1.11 14.14 -1.93
N ARG A 104 1.23 13.15 -2.79
CA ARG A 104 2.51 12.57 -3.14
C ARG A 104 2.55 12.30 -4.63
N THR A 105 3.70 12.48 -5.23
CA THR A 105 3.89 12.18 -6.63
C THR A 105 4.69 10.89 -6.80
N LEU A 106 4.69 10.35 -8.01
CA LEU A 106 5.44 9.14 -8.30
C LEU A 106 6.93 9.43 -8.30
N ARG A 107 7.29 10.67 -8.62
CA ARG A 107 8.68 11.07 -8.70
C ARG A 107 9.32 11.22 -7.33
N GLU A 108 8.54 11.65 -6.35
CA GLU A 108 9.09 11.93 -5.03
C GLU A 108 9.07 10.69 -4.13
N GLN A 109 8.16 9.77 -4.40
CA GLN A 109 8.03 8.59 -3.55
C GLN A 109 7.29 7.44 -4.25
N GLY A 110 6.51 7.75 -5.29
CA GLY A 110 5.75 6.71 -5.97
C GLY A 110 6.64 5.60 -6.48
N VAL A 111 7.77 6.00 -7.07
CA VAL A 111 8.86 5.10 -7.47
C VAL A 111 8.38 3.91 -8.30
N GLU A 112 9.21 2.87 -8.35
CA GLU A 112 8.94 1.65 -9.10
C GLU A 112 7.56 1.09 -8.82
N GLU A 113 6.88 0.65 -9.87
CA GLU A 113 5.52 0.15 -9.76
C GLU A 113 5.50 -1.30 -9.26
N HIS A 114 6.67 -1.86 -8.96
CA HIS A 114 6.72 -3.16 -8.31
C HIS A 114 6.41 -3.00 -6.83
N GLU A 115 6.43 -1.75 -6.37
CA GLU A 115 6.10 -1.43 -5.00
C GLU A 115 4.57 -1.35 -4.86
N THR A 116 4.02 -2.26 -4.08
CA THR A 116 2.57 -2.41 -3.95
C THR A 116 1.96 -1.29 -3.12
N LEU A 117 0.75 -0.85 -3.46
CA LEU A 117 0.05 0.12 -2.64
C LEU A 117 -0.83 -0.60 -1.62
N LEU A 118 -0.41 -0.54 -0.37
CA LEU A 118 -1.11 -1.21 0.72
C LEU A 118 -2.08 -0.25 1.37
N LEU A 119 -3.30 -0.69 1.57
CA LEU A 119 -4.28 0.08 2.30
C LEU A 119 -4.60 -0.59 3.62
N ARG A 120 -4.27 0.06 4.71
CA ARG A 120 -4.48 -0.49 6.03
C ARG A 120 -5.21 0.50 6.91
N ARG A 121 -6.22 0.03 7.63
CA ARG A 121 -6.96 0.88 8.52
C ARG A 121 -6.30 0.86 9.90
N LYS A 122 -5.42 1.82 10.11
CA LYS A 122 -4.72 1.95 11.38
C LYS A 122 -5.61 2.67 12.38
N PHE A 123 -6.37 3.62 11.89
CA PHE A 123 -7.32 4.35 12.71
C PHE A 123 -8.64 3.58 12.85
N PHE A 124 -9.67 4.28 13.31
CA PHE A 124 -11.02 3.72 13.46
C PHE A 124 -11.06 2.70 14.60
N TYR A 125 -10.08 2.79 15.49
CA TYR A 125 -10.08 1.94 16.67
C TYR A 125 -10.74 2.69 17.83
N SER A 126 -11.90 2.21 18.22
CA SER A 126 -12.68 2.83 19.29
C SER A 126 -12.59 2.00 20.56
N ASP A 127 -11.78 2.46 21.51
CA ASP A 127 -11.59 1.75 22.76
C ASP A 127 -12.71 2.07 23.73
N GLN A 128 -13.77 1.26 23.69
CA GLN A 128 -14.91 1.45 24.55
C GLN A 128 -14.80 0.57 25.79
N SER A 1 3.64 23.32 -29.98
CA SER A 1 2.40 23.68 -29.26
C SER A 1 2.62 23.52 -27.75
N SER A 2 1.96 24.37 -26.97
CA SER A 2 2.08 24.31 -25.52
C SER A 2 1.16 23.23 -24.95
N GLY A 3 1.76 22.12 -24.52
CA GLY A 3 1.00 21.01 -23.98
C GLY A 3 0.15 20.34 -25.04
N LEU A 4 -1.13 20.71 -25.09
CA LEU A 4 -2.08 20.20 -26.07
C LEU A 4 -2.15 18.68 -26.02
N VAL A 5 -2.98 18.17 -25.12
CA VAL A 5 -3.12 16.74 -24.94
C VAL A 5 -4.59 16.34 -25.03
N PRO A 6 -4.98 15.63 -26.10
CA PRO A 6 -6.34 15.10 -26.24
C PRO A 6 -6.70 14.22 -25.05
N ARG A 7 -7.62 14.70 -24.23
CA ARG A 7 -7.96 14.05 -22.97
C ARG A 7 -8.42 12.62 -23.18
N GLY A 8 -7.70 11.70 -22.57
CA GLY A 8 -8.02 10.29 -22.64
C GLY A 8 -7.29 9.52 -21.56
N SER A 9 -7.91 8.48 -21.05
CA SER A 9 -7.35 7.73 -19.94
C SER A 9 -6.56 6.52 -20.43
N HIS A 10 -5.45 6.26 -19.77
CA HIS A 10 -4.68 5.06 -20.02
C HIS A 10 -4.65 4.22 -18.74
N MET A 11 -4.08 3.04 -18.80
CA MET A 11 -4.13 2.15 -17.64
C MET A 11 -2.81 1.42 -17.43
N ARG A 12 -2.16 1.72 -16.32
CA ARG A 12 -1.03 0.92 -15.86
C ARG A 12 -1.47 0.05 -14.70
N PRO A 13 -1.25 -1.27 -14.79
CA PRO A 13 -1.66 -2.20 -13.74
C PRO A 13 -0.83 -2.05 -12.48
N LEU A 14 -1.49 -1.70 -11.39
CA LEU A 14 -0.83 -1.56 -10.10
C LEU A 14 -1.48 -2.50 -9.10
N LYS A 15 -0.67 -3.14 -8.28
CA LYS A 15 -1.15 -4.11 -7.31
C LYS A 15 -1.48 -3.43 -5.99
N ILE A 16 -2.76 -3.31 -5.68
CA ILE A 16 -3.17 -2.74 -4.42
C ILE A 16 -3.52 -3.86 -3.44
N ARG A 17 -3.26 -3.64 -2.17
CA ARG A 17 -3.50 -4.68 -1.18
C ARG A 17 -4.54 -4.21 -0.16
N MET A 18 -5.55 -5.04 0.04
CA MET A 18 -6.68 -4.72 0.91
C MET A 18 -6.39 -5.07 2.35
N LEU A 19 -7.26 -4.59 3.25
CA LEU A 19 -7.10 -4.78 4.70
C LEU A 19 -7.05 -6.25 5.06
N ASP A 20 -7.82 -7.06 4.32
CA ASP A 20 -7.81 -8.51 4.47
C ASP A 20 -6.39 -9.06 4.31
N GLY A 21 -5.57 -8.34 3.57
CA GLY A 21 -4.24 -8.81 3.24
C GLY A 21 -4.18 -9.33 1.83
N THR A 22 -5.23 -9.06 1.07
CA THR A 22 -5.38 -9.58 -0.28
C THR A 22 -4.93 -8.56 -1.31
N VAL A 23 -4.30 -9.03 -2.37
CA VAL A 23 -3.84 -8.14 -3.43
C VAL A 23 -4.84 -8.17 -4.59
N LYS A 24 -5.06 -7.01 -5.18
CA LYS A 24 -5.94 -6.89 -6.32
C LYS A 24 -5.33 -5.94 -7.35
N THR A 25 -5.50 -6.26 -8.61
CA THR A 25 -4.94 -5.47 -9.69
C THR A 25 -5.90 -4.35 -10.10
N ILE A 26 -5.45 -3.11 -9.95
CA ILE A 26 -6.26 -1.96 -10.33
C ILE A 26 -5.57 -1.17 -11.43
N MET A 27 -6.34 -0.72 -12.40
CA MET A 27 -5.81 0.11 -13.48
C MET A 27 -5.54 1.51 -12.96
N VAL A 28 -4.39 2.04 -13.30
CA VAL A 28 -4.05 3.39 -12.93
C VAL A 28 -3.80 4.22 -14.16
N ASP A 29 -4.36 5.40 -14.17
CA ASP A 29 -4.02 6.37 -15.18
C ASP A 29 -2.94 7.26 -14.64
N ASP A 30 -3.36 8.00 -13.63
CA ASP A 30 -2.52 8.95 -12.87
C ASP A 30 -3.39 10.11 -12.39
N SER A 31 -3.81 10.92 -13.35
CA SER A 31 -4.62 12.11 -13.11
C SER A 31 -3.84 13.15 -12.33
N LYS A 32 -3.79 12.97 -11.02
CA LYS A 32 -3.16 13.93 -10.12
C LYS A 32 -2.85 13.28 -8.78
N THR A 33 -1.65 13.57 -8.26
CA THR A 33 -1.25 13.22 -6.89
C THR A 33 -1.52 11.76 -6.52
N VAL A 34 -1.43 11.49 -5.23
CA VAL A 34 -1.89 10.23 -4.67
C VAL A 34 -3.38 10.33 -4.43
N THR A 35 -3.86 11.56 -4.35
CA THR A 35 -5.21 11.87 -3.96
C THR A 35 -6.23 11.45 -5.02
N ASP A 36 -6.12 12.04 -6.20
CA ASP A 36 -7.07 11.79 -7.29
C ASP A 36 -6.93 10.36 -7.80
N MET A 37 -5.73 9.81 -7.67
CA MET A 37 -5.48 8.45 -8.08
C MET A 37 -6.18 7.46 -7.14
N LEU A 38 -5.94 7.62 -5.84
CA LEU A 38 -6.44 6.69 -4.85
C LEU A 38 -7.95 6.82 -4.65
N MET A 39 -8.49 8.01 -4.82
CA MET A 39 -9.94 8.21 -4.68
C MET A 39 -10.68 7.40 -5.74
N THR A 40 -10.02 7.20 -6.88
CA THR A 40 -10.56 6.39 -7.95
C THR A 40 -10.53 4.91 -7.55
N ILE A 41 -9.36 4.47 -7.08
CA ILE A 41 -9.17 3.10 -6.62
C ILE A 41 -10.15 2.74 -5.51
N CYS A 42 -10.36 3.67 -4.58
CA CYS A 42 -11.29 3.43 -3.48
C CYS A 42 -12.72 3.27 -4.01
N ALA A 43 -13.05 3.97 -5.08
CA ALA A 43 -14.36 3.86 -5.70
C ALA A 43 -14.48 2.53 -6.44
N ARG A 44 -13.36 2.00 -6.89
CA ARG A 44 -13.33 0.70 -7.55
C ARG A 44 -13.65 -0.39 -6.54
N ILE A 45 -13.01 -0.30 -5.38
CA ILE A 45 -13.16 -1.31 -4.33
C ILE A 45 -14.37 -1.04 -3.43
N GLY A 46 -14.97 0.13 -3.57
CA GLY A 46 -16.17 0.44 -2.80
C GLY A 46 -15.86 0.93 -1.40
N ILE A 47 -14.98 1.91 -1.31
CA ILE A 47 -14.65 2.54 -0.04
C ILE A 47 -14.95 4.03 -0.11
N THR A 48 -15.71 4.53 0.86
CA THR A 48 -16.15 5.91 0.86
C THR A 48 -15.09 6.84 1.46
N ASN A 49 -14.59 6.47 2.62
CA ASN A 49 -13.64 7.31 3.35
C ASN A 49 -12.29 7.34 2.65
N HIS A 50 -11.69 8.52 2.57
CA HIS A 50 -10.39 8.67 1.91
C HIS A 50 -9.38 9.28 2.87
N ASP A 51 -9.88 10.00 3.88
CA ASP A 51 -9.02 10.76 4.79
C ASP A 51 -8.31 9.86 5.78
N GLU A 52 -9.07 8.96 6.41
CA GLU A 52 -8.53 8.12 7.46
C GLU A 52 -7.78 6.93 6.88
N TYR A 53 -7.91 6.75 5.57
CA TYR A 53 -7.20 5.70 4.88
C TYR A 53 -5.85 6.20 4.38
N SER A 54 -4.80 5.68 4.97
CA SER A 54 -3.45 6.06 4.61
C SER A 54 -2.89 5.08 3.59
N LEU A 55 -2.00 5.55 2.74
CA LEU A 55 -1.42 4.68 1.74
C LEU A 55 -0.01 4.31 2.13
N VAL A 56 0.35 3.06 1.96
CA VAL A 56 1.69 2.62 2.24
C VAL A 56 2.24 1.83 1.05
N ARG A 57 3.48 2.12 0.68
CA ARG A 57 4.11 1.41 -0.41
C ARG A 57 4.75 0.14 0.12
N GLU A 58 4.22 -1.00 -0.30
CA GLU A 58 4.85 -2.26 0.01
C GLU A 58 5.86 -2.57 -1.09
N LEU A 59 7.13 -2.46 -0.73
CA LEU A 59 8.21 -2.61 -1.70
C LEU A 59 8.24 -3.99 -2.32
N MET A 60 9.05 -4.14 -3.37
CA MET A 60 9.22 -5.44 -4.03
C MET A 60 9.49 -6.53 -3.01
N GLU A 61 8.81 -7.65 -3.17
CA GLU A 61 8.87 -8.72 -2.19
C GLU A 61 8.76 -10.07 -2.90
N GLU A 62 9.32 -11.10 -2.28
CA GLU A 62 9.23 -12.46 -2.81
C GLU A 62 7.87 -13.08 -2.46
N LYS A 63 6.93 -12.21 -2.12
CA LYS A 63 5.57 -12.62 -1.85
C LYS A 63 4.83 -12.78 -3.17
N LYS A 64 4.57 -14.02 -3.55
CA LYS A 64 3.94 -14.32 -4.83
C LYS A 64 2.48 -13.92 -4.83
N ASP A 65 1.90 -13.85 -6.03
CA ASP A 65 0.50 -13.47 -6.20
C ASP A 65 -0.40 -14.36 -5.34
N GLU A 66 -1.38 -13.75 -4.70
CA GLU A 66 -2.19 -14.47 -3.74
C GLU A 66 -3.59 -14.67 -4.27
N GLY A 67 -4.01 -15.93 -4.38
CA GLY A 67 -5.37 -16.23 -4.77
C GLY A 67 -6.32 -16.06 -3.61
N THR A 68 -5.82 -16.43 -2.42
CA THR A 68 -6.57 -16.23 -1.18
C THR A 68 -6.79 -14.73 -0.94
N GLY A 69 -7.99 -14.38 -0.50
CA GLY A 69 -8.27 -13.00 -0.19
C GLY A 69 -9.70 -12.62 -0.50
N THR A 70 -9.87 -11.49 -1.17
CA THR A 70 -11.19 -10.96 -1.44
C THR A 70 -11.63 -11.23 -2.87
N LEU A 71 -12.47 -12.23 -3.05
CA LEU A 71 -13.15 -12.44 -4.31
C LEU A 71 -14.28 -11.42 -4.42
N ARG A 72 -14.94 -11.24 -3.29
CA ARG A 72 -15.94 -10.18 -3.15
C ARG A 72 -16.10 -9.84 -1.67
N LYS A 73 -16.10 -10.89 -0.84
CA LYS A 73 -16.17 -10.76 0.61
C LYS A 73 -17.52 -10.19 1.04
N ASP A 74 -18.43 -11.08 1.46
CA ASP A 74 -19.76 -10.70 1.94
C ASP A 74 -20.61 -10.17 0.80
N LYS A 75 -20.45 -8.89 0.51
CA LYS A 75 -21.17 -8.21 -0.56
C LYS A 75 -20.74 -6.74 -0.60
N THR A 76 -21.35 -5.97 -1.48
CA THR A 76 -21.05 -4.56 -1.62
C THR A 76 -21.26 -3.80 -0.31
N LEU A 77 -22.46 -3.90 0.23
CA LEU A 77 -22.82 -3.16 1.45
C LEU A 77 -22.67 -4.05 2.67
N LEU A 78 -22.08 -3.49 3.71
CA LEU A 78 -21.89 -4.21 4.96
C LEU A 78 -21.96 -3.24 6.15
N ARG A 79 -22.83 -3.54 7.09
CA ARG A 79 -23.03 -2.66 8.25
C ARG A 79 -22.23 -3.15 9.45
N ASP A 80 -21.15 -3.89 9.18
CA ASP A 80 -20.29 -4.40 10.23
C ASP A 80 -19.57 -3.26 10.95
N GLU A 81 -19.61 -3.28 12.26
CA GLU A 81 -19.07 -2.19 13.06
C GLU A 81 -17.63 -2.47 13.48
N LYS A 82 -17.08 -1.58 14.30
CA LYS A 82 -15.71 -1.73 14.78
C LYS A 82 -15.65 -2.84 15.82
N LYS A 83 -15.08 -3.97 15.44
CA LYS A 83 -14.96 -5.10 16.35
C LYS A 83 -13.48 -5.32 16.67
N MET A 84 -13.14 -6.49 17.22
CA MET A 84 -11.77 -6.78 17.58
C MET A 84 -11.00 -7.31 16.38
N GLU A 85 -10.11 -6.47 15.86
CA GLU A 85 -9.31 -6.83 14.70
C GLU A 85 -7.89 -7.22 15.13
N LYS A 86 -7.42 -6.62 16.21
CA LYS A 86 -6.07 -6.88 16.69
C LYS A 86 -6.04 -8.09 17.63
N LEU A 87 -6.52 -9.22 17.13
CA LEU A 87 -6.52 -10.45 17.91
C LEU A 87 -5.18 -11.17 17.77
N LYS A 88 -4.56 -10.99 16.61
CA LYS A 88 -3.24 -11.55 16.35
C LYS A 88 -2.17 -10.72 17.02
N GLN A 89 -1.39 -11.35 17.89
CA GLN A 89 -0.25 -10.70 18.49
C GLN A 89 0.86 -10.64 17.45
N LYS A 90 0.85 -9.56 16.68
CA LYS A 90 1.77 -9.40 15.57
C LYS A 90 2.77 -8.29 15.84
N LEU A 91 4.05 -8.60 15.71
CA LEU A 91 5.08 -7.60 15.78
C LEU A 91 5.38 -7.10 14.37
N HIS A 92 4.59 -6.12 13.94
CA HIS A 92 4.65 -5.63 12.58
C HIS A 92 5.92 -4.82 12.34
N THR A 93 6.80 -5.35 11.49
CA THR A 93 7.95 -4.59 11.06
C THR A 93 7.51 -3.66 9.94
N ASP A 94 7.84 -2.39 10.09
CA ASP A 94 7.28 -1.36 9.24
C ASP A 94 8.31 -0.91 8.20
N ASP A 95 9.17 -1.83 7.81
CA ASP A 95 10.21 -1.53 6.83
C ASP A 95 9.71 -1.82 5.42
N GLU A 96 8.94 -2.89 5.27
CA GLU A 96 8.32 -3.21 3.98
C GLU A 96 7.21 -2.20 3.68
N LEU A 97 6.76 -1.53 4.74
CA LEU A 97 5.68 -0.56 4.62
C LEU A 97 6.24 0.86 4.57
N ASN A 98 6.28 1.43 3.37
CA ASN A 98 6.70 2.81 3.22
C ASN A 98 5.47 3.70 3.10
N TRP A 99 5.02 4.21 4.23
CA TRP A 99 3.80 5.01 4.30
C TRP A 99 3.96 6.33 3.57
N LEU A 100 2.96 6.70 2.79
CA LEU A 100 2.96 7.98 2.11
C LEU A 100 1.60 8.65 2.21
N ASP A 101 1.56 9.92 1.87
CA ASP A 101 0.36 10.71 1.97
C ASP A 101 0.09 11.47 0.68
N HIS A 102 -0.91 12.32 0.70
CA HIS A 102 -1.27 13.12 -0.47
C HIS A 102 -0.33 14.32 -0.60
N GLY A 103 -0.77 15.34 -1.33
CA GLY A 103 0.05 16.54 -1.50
C GLY A 103 1.18 16.32 -2.47
N ARG A 104 1.28 15.09 -2.95
CA ARG A 104 2.35 14.68 -3.85
C ARG A 104 1.89 13.44 -4.59
N THR A 105 2.76 12.86 -5.38
CA THR A 105 2.37 11.79 -6.28
C THR A 105 3.07 10.47 -5.92
N LEU A 106 2.63 9.38 -6.54
CA LEU A 106 3.22 8.07 -6.26
C LEU A 106 4.60 7.97 -6.90
N ARG A 107 4.76 8.65 -8.03
CA ARG A 107 6.05 8.68 -8.72
C ARG A 107 7.11 9.36 -7.85
N GLU A 108 6.66 10.16 -6.89
CA GLU A 108 7.57 10.75 -5.90
C GLU A 108 8.12 9.68 -4.98
N GLN A 109 7.23 8.84 -4.48
CA GLN A 109 7.58 7.85 -3.48
C GLN A 109 8.31 6.67 -4.11
N GLY A 110 8.33 6.63 -5.44
CA GLY A 110 9.06 5.58 -6.13
C GLY A 110 8.21 4.36 -6.41
N VAL A 111 6.93 4.45 -6.08
CA VAL A 111 6.01 3.34 -6.33
C VAL A 111 5.45 3.43 -7.75
N GLU A 112 5.98 2.58 -8.61
CA GLU A 112 5.69 2.62 -10.04
C GLU A 112 4.32 2.00 -10.37
N GLU A 113 4.30 0.69 -10.47
CA GLU A 113 3.09 -0.05 -10.83
C GLU A 113 3.22 -1.50 -10.41
N HIS A 114 4.38 -2.08 -10.67
CA HIS A 114 4.70 -3.44 -10.21
C HIS A 114 4.96 -3.44 -8.71
N GLU A 115 4.96 -2.26 -8.12
CA GLU A 115 5.03 -2.12 -6.67
C GLU A 115 3.65 -2.38 -6.08
N THR A 116 3.60 -2.76 -4.82
CA THR A 116 2.32 -3.04 -4.17
C THR A 116 1.88 -1.85 -3.32
N LEU A 117 0.70 -1.32 -3.59
CA LEU A 117 0.16 -0.22 -2.82
C LEU A 117 -0.74 -0.77 -1.72
N LEU A 118 -0.28 -0.65 -0.50
CA LEU A 118 -1.02 -1.10 0.66
C LEU A 118 -2.01 -0.02 1.07
N LEU A 119 -3.29 -0.29 0.92
CA LEU A 119 -4.30 0.63 1.36
C LEU A 119 -4.76 0.22 2.75
N ARG A 120 -4.46 1.04 3.74
CA ARG A 120 -4.74 0.70 5.11
C ARG A 120 -5.29 1.89 5.88
N ARG A 121 -6.40 1.68 6.57
CA ARG A 121 -6.93 2.70 7.44
C ARG A 121 -6.00 2.88 8.63
N LYS A 122 -5.70 4.12 8.98
CA LYS A 122 -4.78 4.40 10.06
C LYS A 122 -5.47 4.16 11.38
N PHE A 123 -5.19 3.00 11.95
CA PHE A 123 -5.78 2.58 13.19
C PHE A 123 -5.52 3.57 14.33
N PHE A 124 -6.56 4.35 14.65
CA PHE A 124 -6.53 5.19 15.83
C PHE A 124 -7.38 4.55 16.91
N TYR A 125 -8.39 3.81 16.45
CA TYR A 125 -9.35 3.13 17.31
C TYR A 125 -10.19 4.15 18.08
N SER A 126 -9.61 4.69 19.15
CA SER A 126 -10.24 5.70 19.98
C SER A 126 -9.31 6.01 21.14
N ASP A 127 -9.20 7.27 21.51
CA ASP A 127 -8.41 7.63 22.68
C ASP A 127 -9.19 7.31 23.94
N GLN A 128 -10.51 7.33 23.80
CA GLN A 128 -11.40 6.86 24.83
C GLN A 128 -12.45 5.96 24.19
#